data_5FPW
#
_entry.id   5FPW
#
_cell.length_a   128.790
_cell.length_b   223.220
_cell.length_c   102.890
_cell.angle_alpha   90.00
_cell.angle_beta   90.00
_cell.angle_gamma   90.00
#
_symmetry.space_group_name_H-M   'C 2 2 2'
#
loop_
_entity.id
_entity.type
_entity.pdbx_description
1 polymer 'PRO CATHEPSIN B S9'
2 water water
#
_entity_poly.entity_id   1
_entity_poly.type   'polypeptide(L)'
_entity_poly.pdbx_seq_one_letter_code
;AEFHHHHHHKDAPVLTKTFVDRINQLNGGMWKAVYNGKMQNITFAEAKRLTGAWIQKTSSLPPVRFTEEQLRTELPESFD
SAEKWPNCPTIREIADQSACRASWAVSTASVISDRYCTVGGVQQLRISAAHLLSCCKQCGGGCKGGFPGFAWRYYVEYGI
ASSYCQPYPFPHCEHRGAQGNKTPCSKYNFDTPKCQATCTDKSIPLVKYRGSATYLLLHGEEDYKRELYFNGPFVAVFYV
YTDLFAYKSGVYRHVDGDFLGGTAVKVVGWGKLNGTPYWKVANTWDTDWGMDGYLLILRGNNECNIEHLGFAGTPETSQL
T
;
_entity_poly.pdbx_strand_id   A,B,C
#
# COMPACT_ATOMS: atom_id res chain seq x y z
N ALA A 12 13.34 47.75 21.60
CA ALA A 12 12.51 46.59 21.20
C ALA A 12 13.12 45.76 20.10
N PRO A 13 13.88 46.45 19.23
CA PRO A 13 14.78 45.77 18.29
C PRO A 13 15.56 44.58 18.87
N VAL A 14 15.57 43.48 18.10
CA VAL A 14 16.46 42.37 18.34
C VAL A 14 17.86 42.62 17.77
N LEU A 15 17.96 43.38 16.67
CA LEU A 15 19.22 43.62 15.98
C LEU A 15 19.55 45.10 15.99
N THR A 16 20.84 45.39 16.18
CA THR A 16 21.42 46.72 15.97
C THR A 16 22.73 46.54 15.21
N LYS A 17 23.21 47.64 14.62
CA LYS A 17 24.52 47.61 13.97
C LYS A 17 25.62 47.20 14.94
N THR A 18 25.56 47.68 16.18
CA THR A 18 26.60 47.34 17.17
C THR A 18 26.56 45.85 17.49
N PHE A 19 25.37 45.28 17.64
CA PHE A 19 25.24 43.85 17.94
C PHE A 19 25.78 43.00 16.79
N VAL A 20 25.44 43.37 15.54
CA VAL A 20 25.94 42.61 14.38
C VAL A 20 27.46 42.71 14.26
N ASP A 21 28.04 43.89 14.54
CA ASP A 21 29.50 44.00 14.53
C ASP A 21 30.13 43.07 15.56
N ARG A 22 29.58 43.04 16.78
CA ARG A 22 30.11 42.17 17.81
C ARG A 22 29.99 40.70 17.39
N ILE A 23 28.89 40.34 16.71
CA ILE A 23 28.71 38.96 16.28
C ILE A 23 29.82 38.52 15.32
N ASN A 24 30.08 39.33 14.29
CA ASN A 24 31.13 38.99 13.35
C ASN A 24 32.52 39.02 13.99
N GLN A 25 32.70 39.75 15.09
CA GLN A 25 33.98 39.69 15.80
C GLN A 25 34.15 38.35 16.51
N LEU A 26 33.08 37.84 17.11
CA LEU A 26 33.17 36.64 17.94
C LEU A 26 33.10 35.35 17.14
N ASN A 27 32.58 35.37 15.90
CA ASN A 27 32.44 34.13 15.16
C ASN A 27 33.63 33.84 14.26
N GLY A 28 34.61 34.73 14.21
CA GLY A 28 35.81 34.47 13.45
C GLY A 28 35.61 34.33 11.96
N GLY A 29 34.50 34.82 11.43
CA GLY A 29 34.24 34.69 10.01
C GLY A 29 33.69 33.35 9.58
N MET A 30 33.32 32.47 10.51
CA MET A 30 32.73 31.18 10.13
C MET A 30 31.39 31.37 9.44
N TRP A 31 30.64 32.40 9.82
CA TRP A 31 29.42 32.77 9.13
C TRP A 31 29.34 34.28 9.10
N LYS A 32 28.44 34.81 8.28
CA LYS A 32 28.30 36.25 8.06
C LYS A 32 26.97 36.73 8.64
N ALA A 33 27.04 37.67 9.58
CA ALA A 33 25.86 38.32 10.15
C ALA A 33 25.66 39.69 9.51
N VAL A 34 24.40 40.02 9.20
CA VAL A 34 24.11 41.28 8.52
C VAL A 34 23.01 42.02 9.25
N TYR A 35 23.07 43.36 9.20
CA TYR A 35 22.03 44.19 9.80
C TYR A 35 20.94 44.60 8.83
N ASN A 36 21.24 44.73 7.54
CA ASN A 36 20.29 45.23 6.54
C ASN A 36 19.57 44.12 5.80
N GLY A 37 19.20 43.03 6.48
CA GLY A 37 18.51 41.92 5.87
C GLY A 37 17.01 41.90 6.19
N LYS A 38 16.42 40.72 6.00
CA LYS A 38 14.98 40.54 6.21
C LYS A 38 14.55 40.88 7.65
N MET A 39 15.40 40.59 8.64
CA MET A 39 15.05 40.76 10.04
C MET A 39 15.53 42.10 10.60
N GLN A 40 15.93 43.05 9.74
CA GLN A 40 16.57 44.28 10.21
C GLN A 40 15.81 44.94 11.35
N ASN A 41 14.49 44.98 11.26
CA ASN A 41 13.68 45.71 12.22
C ASN A 41 12.83 44.83 13.13
N ILE A 42 13.11 43.52 13.20
CA ILE A 42 12.22 42.65 13.98
C ILE A 42 12.38 42.96 15.46
N THR A 43 11.26 42.94 16.21
CA THR A 43 11.25 43.15 17.65
C THR A 43 11.23 41.82 18.42
N PHE A 44 11.43 41.91 19.73
CA PHE A 44 11.41 40.72 20.57
C PHE A 44 10.07 40.00 20.51
N ALA A 45 8.96 40.74 20.60
CA ALA A 45 7.64 40.10 20.52
C ALA A 45 7.44 39.43 19.16
N GLU A 46 7.92 40.04 18.09
CA GLU A 46 7.82 39.41 16.76
C GLU A 46 8.74 38.20 16.64
N ALA A 47 9.97 38.30 17.16
CA ALA A 47 10.90 37.17 17.08
C ALA A 47 10.34 35.95 17.78
N LYS A 48 9.60 36.14 18.89
CA LYS A 48 9.00 35.02 19.61
C LYS A 48 7.93 34.32 18.79
N ARG A 49 7.35 34.98 17.79
CA ARG A 49 6.39 34.32 16.89
C ARG A 49 7.04 33.19 16.10
N LEU A 50 8.38 33.13 16.06
CA LEU A 50 9.09 32.16 15.24
C LEU A 50 9.67 31.01 16.04
N THR A 51 9.39 30.92 17.34
CA THR A 51 9.77 29.72 18.08
C THR A 51 8.53 28.94 18.50
N GLY A 52 8.54 28.37 19.70
CA GLY A 52 7.40 27.63 20.19
C GLY A 52 7.31 26.17 19.80
N ALA A 53 8.43 25.54 19.38
CA ALA A 53 8.43 24.09 19.15
C ALA A 53 8.82 23.40 20.45
N TRP A 54 7.92 22.57 20.97
CA TRP A 54 8.04 22.03 22.32
C TRP A 54 8.38 20.55 22.29
N ILE A 55 9.08 20.09 23.33
CA ILE A 55 9.57 18.72 23.41
C ILE A 55 9.15 18.13 24.74
N GLN A 56 8.68 16.89 24.71
CA GLN A 56 8.32 16.19 25.92
C GLN A 56 9.41 15.19 26.25
N LYS A 57 10.15 15.46 27.34
CA LYS A 57 11.34 14.68 27.68
C LYS A 57 11.08 13.17 27.81
N THR A 58 9.85 12.76 28.13
CA THR A 58 9.56 11.32 28.23
C THR A 58 9.38 10.68 26.85
N SER A 59 8.44 11.21 26.06
CA SER A 59 8.09 10.71 24.73
C SER A 59 7.42 9.35 24.78
N SER A 60 8.20 8.27 24.55
CA SER A 60 7.81 6.86 24.45
C SER A 60 7.72 6.39 23.00
N LEU A 61 7.99 7.28 22.05
CA LEU A 61 8.10 6.84 20.67
C LEU A 61 9.29 5.91 20.50
N PRO A 62 9.21 4.91 19.63
CA PRO A 62 10.29 3.93 19.54
C PRO A 62 11.48 4.47 18.78
N PRO A 63 12.67 3.98 19.07
CA PRO A 63 13.86 4.43 18.31
C PRO A 63 13.92 3.77 16.94
N VAL A 64 14.66 4.40 16.04
CA VAL A 64 14.81 3.87 14.69
C VAL A 64 15.48 2.49 14.75
N ARG A 65 15.20 1.66 13.74
CA ARG A 65 15.83 0.35 13.60
C ARG A 65 16.32 0.16 12.18
N PHE A 66 17.64 0.13 12.00
CA PHE A 66 18.20 -0.11 10.69
C PHE A 66 18.45 -1.60 10.46
N THR A 67 18.30 -2.03 9.21
CA THR A 67 18.67 -3.39 8.86
C THR A 67 20.19 -3.54 8.80
N GLU A 68 20.65 -4.79 8.74
CA GLU A 68 22.08 -5.06 8.67
C GLU A 68 22.67 -4.48 7.39
N GLU A 69 21.98 -4.63 6.26
CA GLU A 69 22.51 -4.07 5.02
C GLU A 69 22.65 -2.56 5.10
N GLN A 70 21.71 -1.89 5.79
CA GLN A 70 21.78 -0.45 5.98
C GLN A 70 22.94 -0.07 6.89
N LEU A 71 23.13 -0.82 7.98
CA LEU A 71 24.24 -0.54 8.90
C LEU A 71 25.60 -0.78 8.22
N ARG A 72 25.69 -1.79 7.37
CA ARG A 72 26.95 -2.07 6.67
C ARG A 72 27.24 -1.06 5.56
N THR A 73 26.27 -0.26 5.15
CA THR A 73 26.46 0.62 4.00
C THR A 73 27.42 1.75 4.33
N GLU A 74 28.43 1.95 3.49
CA GLU A 74 29.34 3.08 3.66
C GLU A 74 28.69 4.35 3.14
N LEU A 75 28.73 5.45 3.97
CA LEU A 75 28.03 6.70 3.72
C LEU A 75 28.95 7.75 3.11
N PRO A 76 28.42 8.60 2.23
CA PRO A 76 29.26 9.54 1.49
C PRO A 76 29.73 10.69 2.37
N GLU A 77 30.78 11.38 1.89
CA GLU A 77 31.35 12.52 2.60
C GLU A 77 30.41 13.73 2.60
N SER A 78 29.71 13.97 1.48
CA SER A 78 28.65 14.95 1.39
C SER A 78 27.39 14.25 0.92
N PHE A 79 26.23 14.84 1.20
CA PHE A 79 24.97 14.24 0.76
C PHE A 79 23.88 15.31 0.69
N ASP A 80 23.00 15.19 -0.31
CA ASP A 80 21.88 16.12 -0.43
C ASP A 80 20.65 15.36 -0.91
N SER A 81 19.55 15.48 -0.16
CA SER A 81 18.32 14.75 -0.47
C SER A 81 17.82 15.03 -1.88
N ALA A 82 17.83 16.31 -2.30
CA ALA A 82 17.37 16.67 -3.63
C ALA A 82 18.23 16.07 -4.74
N GLU A 83 19.50 15.73 -4.45
CA GLU A 83 20.35 15.08 -5.44
C GLU A 83 20.05 13.60 -5.55
N LYS A 84 19.72 12.93 -4.43
CA LYS A 84 19.38 11.52 -4.50
C LYS A 84 17.97 11.31 -5.07
N TRP A 85 17.01 12.19 -4.76
CA TRP A 85 15.65 12.11 -5.31
C TRP A 85 15.36 13.34 -6.17
N PRO A 86 16.00 13.45 -7.36
CA PRO A 86 15.77 14.63 -8.21
C PRO A 86 14.36 14.74 -8.77
N ASN A 87 13.58 13.67 -8.78
CA ASN A 87 12.20 13.72 -9.26
C ASN A 87 11.19 13.95 -8.14
N CYS A 88 11.65 14.40 -6.96
CA CYS A 88 10.77 14.67 -5.84
C CYS A 88 10.71 16.17 -5.58
N PRO A 89 9.80 16.91 -6.24
CA PRO A 89 9.86 18.38 -6.19
C PRO A 89 9.62 18.98 -4.82
N THR A 90 8.86 18.33 -3.94
CA THR A 90 8.57 18.97 -2.65
C THR A 90 9.80 19.12 -1.79
N ILE A 91 10.86 18.34 -2.05
CA ILE A 91 12.05 18.41 -1.20
C ILE A 91 12.66 19.81 -1.23
N ARG A 92 12.53 20.51 -2.36
CA ARG A 92 13.19 21.79 -2.57
C ARG A 92 12.34 23.00 -2.21
N GLU A 93 11.08 22.81 -1.78
CA GLU A 93 10.18 23.94 -1.60
C GLU A 93 10.29 24.49 -0.17
N ILE A 94 10.62 25.78 -0.06
CA ILE A 94 10.79 26.47 1.22
C ILE A 94 9.45 27.09 1.63
N ALA A 95 9.03 26.85 2.86
CA ALA A 95 7.76 27.35 3.39
C ALA A 95 7.93 28.67 4.14
N ASP A 96 6.79 29.32 4.40
CA ASP A 96 6.76 30.54 5.21
C ASP A 96 5.67 30.38 6.26
N GLN A 97 6.08 30.10 7.50
CA GLN A 97 5.12 29.90 8.59
C GLN A 97 4.37 31.17 8.94
N SER A 98 4.84 32.33 8.48
CA SER A 98 4.23 33.62 8.81
C SER A 98 4.29 33.86 10.32
N ALA A 99 3.45 34.76 10.84
CA ALA A 99 3.58 35.10 12.27
C ALA A 99 2.62 34.27 13.13
N CYS A 100 2.65 32.97 12.89
CA CYS A 100 1.97 31.95 13.68
C CYS A 100 3.06 31.01 14.21
N ARG A 101 3.05 30.73 15.51
CA ARG A 101 4.14 29.93 16.05
C ARG A 101 4.01 28.47 15.61
N ALA A 102 4.25 28.21 14.32
CA ALA A 102 3.77 26.99 13.66
C ALA A 102 4.86 26.09 13.10
N SER A 103 6.14 26.37 13.36
CA SER A 103 7.18 25.51 12.77
C SER A 103 6.98 24.04 13.13
N TRP A 104 6.36 23.75 14.29
CA TRP A 104 6.17 22.34 14.67
C TRP A 104 5.31 21.60 13.64
N ALA A 105 4.29 22.27 13.09
CA ALA A 105 3.41 21.68 12.10
C ALA A 105 3.94 21.82 10.68
N VAL A 106 4.50 22.98 10.35
CA VAL A 106 4.96 23.22 8.98
C VAL A 106 6.12 22.28 8.64
N SER A 107 7.07 22.12 9.56
CA SER A 107 8.21 21.23 9.29
C SER A 107 7.78 19.77 9.18
N THR A 108 6.92 19.32 10.10
CA THR A 108 6.43 17.94 10.05
C THR A 108 5.66 17.67 8.76
N ALA A 109 4.72 18.56 8.41
CA ALA A 109 3.96 18.37 7.16
C ALA A 109 4.88 18.39 5.96
N SER A 110 5.91 19.22 5.99
CA SER A 110 6.86 19.27 4.88
C SER A 110 7.65 17.96 4.76
N VAL A 111 8.05 17.38 5.90
CA VAL A 111 8.78 16.11 5.86
C VAL A 111 7.88 14.98 5.38
N ILE A 112 6.63 14.95 5.87
CA ILE A 112 5.70 13.91 5.45
C ILE A 112 5.48 13.96 3.95
N SER A 113 5.37 15.16 3.37
CA SER A 113 5.19 15.31 1.93
C SER A 113 6.38 14.75 1.16
N ASP A 114 7.60 15.03 1.63
CA ASP A 114 8.81 14.52 0.97
C ASP A 114 8.84 13.00 1.02
N ARG A 115 8.49 12.42 2.17
CA ARG A 115 8.57 10.97 2.33
C ARG A 115 7.55 10.21 1.50
N TYR A 116 6.42 10.82 1.14
CA TYR A 116 5.53 10.16 0.18
C TYR A 116 6.25 9.88 -1.13
N CYS A 117 7.15 10.77 -1.53
CA CYS A 117 7.93 10.58 -2.74
C CYS A 117 9.17 9.69 -2.51
N THR A 118 9.89 9.88 -1.40
CA THR A 118 11.12 9.09 -1.20
C THR A 118 10.85 7.66 -0.76
N VAL A 119 9.73 7.41 -0.09
CA VAL A 119 9.49 6.10 0.52
C VAL A 119 8.08 5.58 0.20
N GLY A 120 7.13 6.48 -0.01
CA GLY A 120 5.73 6.10 -0.14
C GLY A 120 5.13 5.95 -1.52
N GLY A 121 5.92 6.04 -2.59
CA GLY A 121 5.39 5.82 -3.93
C GLY A 121 4.42 6.85 -4.46
N VAL A 122 4.39 8.07 -3.92
CA VAL A 122 3.51 9.13 -4.41
C VAL A 122 4.36 10.35 -4.73
N GLN A 123 4.36 10.77 -6.00
CA GLN A 123 5.38 11.68 -6.47
C GLN A 123 5.15 13.12 -6.00
N GLN A 124 3.88 13.57 -5.88
CA GLN A 124 3.59 15.00 -5.61
C GLN A 124 2.36 15.15 -4.70
N LEU A 125 2.53 14.84 -3.43
CA LEU A 125 1.48 14.97 -2.44
C LEU A 125 1.98 15.95 -1.38
N ARG A 126 1.39 17.13 -1.36
CA ARG A 126 1.69 18.14 -0.36
C ARG A 126 0.66 18.05 0.76
N ILE A 127 1.14 17.84 1.97
CA ILE A 127 0.31 17.62 3.15
C ILE A 127 0.04 18.96 3.84
N SER A 128 -1.17 19.12 4.38
CA SER A 128 -1.65 20.42 4.89
C SER A 128 -1.14 20.68 6.31
N ALA A 129 -0.24 21.66 6.46
CA ALA A 129 0.12 22.15 7.80
C ALA A 129 -1.07 22.81 8.50
N ALA A 130 -1.95 23.49 7.75
CA ALA A 130 -3.09 24.16 8.38
C ALA A 130 -4.03 23.15 9.04
N HIS A 131 -4.30 22.03 8.36
CA HIS A 131 -5.14 20.99 8.95
C HIS A 131 -4.53 20.45 10.24
N LEU A 132 -3.24 20.13 10.22
CA LEU A 132 -2.55 19.61 11.39
C LEU A 132 -2.65 20.57 12.57
N LEU A 133 -2.29 21.83 12.37
CA LEU A 133 -2.27 22.78 13.47
C LEU A 133 -3.67 23.17 13.95
N SER A 134 -4.69 23.07 13.09
CA SER A 134 -6.02 23.47 13.55
C SER A 134 -6.81 22.30 14.11
N CYS A 135 -6.52 21.07 13.69
CA CYS A 135 -7.35 19.93 14.09
C CYS A 135 -6.68 18.99 15.09
N CYS A 136 -5.36 19.00 15.23
CA CYS A 136 -4.72 18.24 16.30
C CYS A 136 -4.68 19.10 17.55
N LYS A 137 -5.76 19.09 18.33
CA LYS A 137 -5.82 19.89 19.56
C LYS A 137 -4.90 19.34 20.63
N GLN A 138 -4.62 18.04 20.61
CA GLN A 138 -3.71 17.44 21.58
C GLN A 138 -2.25 17.71 21.27
N CYS A 139 -1.94 18.23 20.07
CA CYS A 139 -0.57 18.51 19.67
C CYS A 139 -0.03 19.79 20.26
N GLY A 140 -0.90 20.70 20.65
CA GLY A 140 -0.42 22.00 21.08
C GLY A 140 -1.52 23.02 21.14
N GLY A 141 -1.11 24.29 21.08
CA GLY A 141 -2.06 25.37 21.04
C GLY A 141 -2.14 26.04 19.69
N GLY A 142 -2.04 25.26 18.61
CA GLY A 142 -2.18 25.83 17.27
C GLY A 142 -1.08 26.84 16.98
N CYS A 143 -1.48 28.09 16.72
CA CYS A 143 -0.54 29.20 16.56
C CYS A 143 0.15 29.62 17.87
N LYS A 144 -0.20 29.00 19.00
CA LYS A 144 0.53 29.25 20.25
C LYS A 144 1.81 28.43 20.36
N GLY A 145 1.90 27.32 19.64
CA GLY A 145 3.01 26.37 19.73
C GLY A 145 2.53 24.93 19.73
N GLY A 146 3.46 23.97 19.66
CA GLY A 146 3.09 22.57 19.57
C GLY A 146 4.28 21.66 19.69
N PHE A 147 3.99 20.35 19.90
CA PHE A 147 5.03 19.32 19.99
C PHE A 147 5.13 18.60 18.64
N PRO A 148 6.29 18.63 17.97
CA PRO A 148 6.45 17.80 16.75
C PRO A 148 6.17 16.32 17.00
N GLY A 149 6.54 15.79 18.18
CA GLY A 149 6.32 14.37 18.41
C GLY A 149 4.85 14.00 18.42
N PHE A 150 4.01 14.87 18.96
CA PHE A 150 2.57 14.63 18.95
C PHE A 150 1.99 14.74 17.55
N ALA A 151 2.50 15.66 16.74
CA ALA A 151 2.08 15.75 15.34
C ALA A 151 2.34 14.44 14.60
N TRP A 152 3.48 13.79 14.86
CA TRP A 152 3.81 12.54 14.17
C TRP A 152 2.84 11.42 14.57
N ARG A 153 2.51 11.33 15.87
CA ARG A 153 1.51 10.39 16.33
C ARG A 153 0.16 10.65 15.67
N TYR A 154 -0.27 11.91 15.60
CA TYR A 154 -1.55 12.23 14.97
C TYR A 154 -1.61 11.74 13.54
N TYR A 155 -0.49 11.85 12.82
CA TYR A 155 -0.42 11.38 11.44
C TYR A 155 -0.65 9.88 11.38
N VAL A 156 -0.07 9.12 12.31
CA VAL A 156 -0.29 7.67 12.35
C VAL A 156 -1.73 7.35 12.78
N GLU A 157 -2.22 8.01 13.83
CA GLU A 157 -3.51 7.66 14.44
C GLU A 157 -4.70 8.14 13.60
N TYR A 158 -4.68 9.40 13.16
CA TYR A 158 -5.84 10.04 12.55
C TYR A 158 -5.65 10.45 11.10
N GLY A 159 -4.44 10.82 10.69
CA GLY A 159 -4.21 11.23 9.32
C GLY A 159 -4.47 12.72 9.09
N ILE A 160 -3.86 13.23 8.02
CA ILE A 160 -3.82 14.65 7.73
C ILE A 160 -4.31 14.86 6.30
N ALA A 161 -5.04 15.96 6.07
CA ALA A 161 -5.51 16.34 4.75
C ALA A 161 -4.37 16.92 3.91
N SER A 162 -4.61 17.06 2.61
CA SER A 162 -3.63 17.66 1.70
C SER A 162 -3.83 19.17 1.59
N SER A 163 -2.75 19.84 1.15
CA SER A 163 -2.78 21.29 0.94
C SER A 163 -3.74 21.67 -0.18
N TYR A 164 -3.96 20.79 -1.15
CA TYR A 164 -4.98 21.04 -2.16
C TYR A 164 -6.33 21.25 -1.50
N CYS A 165 -6.58 20.50 -0.42
CA CYS A 165 -7.82 20.59 0.33
C CYS A 165 -7.80 21.75 1.32
N GLN A 166 -6.73 21.90 2.12
CA GLN A 166 -6.65 22.97 3.11
C GLN A 166 -5.32 23.72 2.96
N PRO A 167 -5.27 24.70 2.07
CA PRO A 167 -4.02 25.45 1.84
C PRO A 167 -3.68 26.27 3.06
N TYR A 168 -2.40 26.67 3.14
CA TYR A 168 -1.95 27.46 4.30
C TYR A 168 -2.57 28.87 4.24
N PRO A 169 -3.24 29.32 5.29
CA PRO A 169 -4.03 30.56 5.19
C PRO A 169 -3.29 31.84 5.55
N PHE A 170 -2.04 31.76 6.07
CA PHE A 170 -1.37 32.97 6.55
C PHE A 170 -0.39 33.49 5.50
N PRO A 171 -0.29 34.83 5.36
CA PRO A 171 0.50 35.40 4.26
C PRO A 171 1.89 35.88 4.69
N HIS A 172 2.71 36.28 3.73
CA HIS A 172 4.04 36.81 4.02
C HIS A 172 3.94 38.14 4.76
N CYS A 173 4.89 38.38 5.66
CA CYS A 173 4.90 39.58 6.49
C CYS A 173 6.10 40.45 6.16
N GLU A 174 5.96 41.74 6.50
CA GLU A 174 6.94 42.81 6.25
C GLU A 174 7.91 42.54 5.09
N ASN A 189 0.46 38.22 13.76
CA ASN A 189 -0.54 37.59 12.89
C ASN A 189 -1.73 37.09 13.69
N PHE A 190 -2.46 36.16 13.10
CA PHE A 190 -3.83 35.89 13.52
C PHE A 190 -3.91 34.62 14.37
N ASP A 191 -5.15 34.23 14.65
CA ASP A 191 -5.49 33.15 15.54
C ASP A 191 -5.38 31.81 14.84
N THR A 192 -5.43 30.75 15.63
CA THR A 192 -5.54 29.40 15.09
C THR A 192 -6.85 29.27 14.32
N PRO A 193 -6.81 28.91 13.04
CA PRO A 193 -8.07 28.70 12.31
C PRO A 193 -8.90 27.60 12.96
N LYS A 194 -10.22 27.73 12.81
CA LYS A 194 -11.12 26.69 13.26
C LYS A 194 -10.85 25.40 12.52
N CYS A 195 -11.01 24.27 13.22
CA CYS A 195 -10.90 22.97 12.57
C CYS A 195 -12.11 22.71 11.66
N GLN A 196 -11.84 22.38 10.41
CA GLN A 196 -12.88 22.11 9.41
C GLN A 196 -12.78 20.67 8.95
N ALA A 197 -13.92 20.01 8.83
CA ALA A 197 -13.97 18.66 8.26
C ALA A 197 -14.15 18.67 6.74
N THR A 198 -14.21 19.84 6.12
CA THR A 198 -14.35 19.99 4.68
C THR A 198 -13.20 20.82 4.15
N CYS A 199 -12.97 20.73 2.84
CA CYS A 199 -11.94 21.53 2.21
C CYS A 199 -12.38 22.99 2.13
N THR A 200 -11.39 23.88 1.98
CA THR A 200 -11.68 25.31 1.85
C THR A 200 -12.58 25.57 0.65
N ASP A 201 -12.29 24.93 -0.48
CA ASP A 201 -13.18 24.88 -1.63
C ASP A 201 -14.11 23.70 -1.42
N LYS A 202 -15.40 23.98 -1.19
CA LYS A 202 -16.33 22.94 -0.75
C LYS A 202 -16.64 21.92 -1.83
N SER A 203 -16.36 22.23 -3.09
CA SER A 203 -16.54 21.25 -4.15
C SER A 203 -15.44 20.18 -4.17
N ILE A 204 -14.38 20.36 -3.39
CA ILE A 204 -13.27 19.40 -3.33
C ILE A 204 -13.50 18.49 -2.12
N PRO A 205 -13.45 17.17 -2.29
CA PRO A 205 -13.64 16.28 -1.13
C PRO A 205 -12.36 16.11 -0.33
N LEU A 206 -12.52 15.88 0.96
CA LEU A 206 -11.40 15.80 1.89
C LEU A 206 -10.92 14.36 2.00
N VAL A 207 -9.64 14.14 1.70
CA VAL A 207 -9.01 12.83 1.78
C VAL A 207 -7.93 12.90 2.86
N LYS A 208 -7.94 11.94 3.78
CA LYS A 208 -6.95 11.91 4.86
C LYS A 208 -5.84 10.91 4.56
N TYR A 209 -4.60 11.32 4.84
CA TYR A 209 -3.42 10.48 4.61
C TYR A 209 -2.79 10.10 5.94
N ARG A 210 -2.54 8.80 6.14
CA ARG A 210 -2.06 8.27 7.40
C ARG A 210 -0.66 7.66 7.26
N GLY A 211 0.11 7.73 8.38
CA GLY A 211 1.35 6.99 8.46
C GLY A 211 1.15 5.59 9.00
N SER A 212 2.12 4.72 8.75
CA SER A 212 2.11 3.40 9.39
C SER A 212 2.99 3.33 10.62
N ALA A 213 4.04 4.15 10.71
CA ALA A 213 4.94 4.14 11.86
C ALA A 213 5.60 5.51 12.00
N THR A 214 5.98 5.84 13.23
CA THR A 214 6.82 6.99 13.52
C THR A 214 7.88 6.60 14.57
N TYR A 215 9.05 7.22 14.50
CA TYR A 215 10.19 6.77 15.30
C TYR A 215 11.18 7.92 15.49
N LEU A 216 12.15 7.69 16.38
CA LEU A 216 13.07 8.75 16.82
C LEU A 216 14.52 8.41 16.48
N LEU A 217 15.30 9.46 16.17
CA LEU A 217 16.76 9.36 16.00
C LEU A 217 17.43 9.89 17.26
N LEU A 218 17.98 8.97 18.07
CA LEU A 218 18.50 9.30 19.40
C LEU A 218 20.01 9.26 19.54
N HIS A 219 20.75 8.80 18.52
CA HIS A 219 22.20 8.63 18.65
C HIS A 219 22.98 9.57 17.75
N GLY A 220 22.39 10.72 17.40
CA GLY A 220 23.18 11.82 16.89
C GLY A 220 23.58 11.67 15.43
N GLU A 221 24.82 12.09 15.14
CA GLU A 221 25.23 12.37 13.76
C GLU A 221 25.11 11.15 12.86
N GLU A 222 25.52 9.97 13.34
CA GLU A 222 25.46 8.79 12.47
C GLU A 222 24.04 8.30 12.25
N ASP A 223 23.15 8.46 13.25
CA ASP A 223 21.73 8.20 13.01
C ASP A 223 21.19 9.12 11.93
N TYR A 224 21.44 10.42 12.06
CA TYR A 224 20.98 11.41 11.09
C TYR A 224 21.42 11.06 9.68
N LYS A 225 22.72 10.78 9.48
CA LYS A 225 23.25 10.50 8.14
C LYS A 225 22.61 9.26 7.53
N ARG A 226 22.44 8.21 8.34
CA ARG A 226 21.93 6.96 7.77
C ARG A 226 20.44 7.07 7.43
N GLU A 227 19.67 7.80 8.25
CA GLU A 227 18.26 8.00 7.95
C GLU A 227 18.08 8.88 6.72
N LEU A 228 18.85 9.96 6.61
CA LEU A 228 18.79 10.81 5.41
C LEU A 228 19.12 10.02 4.16
N TYR A 229 20.19 9.23 4.24
CA TYR A 229 20.70 8.52 3.07
C TYR A 229 19.67 7.54 2.50
N PHE A 230 18.95 6.83 3.36
CA PHE A 230 18.02 5.80 2.91
C PHE A 230 16.58 6.29 2.76
N ASN A 231 16.15 7.26 3.56
CA ASN A 231 14.75 7.64 3.61
C ASN A 231 14.45 9.11 3.36
N GLY A 232 15.45 9.98 3.36
CA GLY A 232 15.23 11.38 3.10
C GLY A 232 15.06 12.22 4.35
N PRO A 233 14.54 13.45 4.15
CA PRO A 233 14.49 14.44 5.24
C PRO A 233 13.71 14.00 6.48
N PHE A 234 14.06 14.63 7.60
CA PHE A 234 13.43 14.40 8.90
C PHE A 234 13.39 15.71 9.68
N VAL A 235 12.65 15.73 10.79
CA VAL A 235 12.48 16.94 11.60
C VAL A 235 13.46 16.92 12.77
N ALA A 236 14.11 18.05 13.04
CA ALA A 236 14.90 18.24 14.26
C ALA A 236 14.58 19.61 14.87
N VAL A 237 14.70 19.71 16.19
CA VAL A 237 14.48 20.97 16.90
C VAL A 237 15.82 21.44 17.44
N PHE A 238 16.04 22.76 17.42
CA PHE A 238 17.25 23.29 18.01
C PHE A 238 16.99 24.63 18.68
N TYR A 239 17.97 25.06 19.46
CA TYR A 239 17.87 26.28 20.27
C TYR A 239 18.03 27.52 19.39
N VAL A 240 17.13 28.48 19.55
CA VAL A 240 17.13 29.74 18.81
C VAL A 240 17.59 30.87 19.73
N TYR A 241 18.63 31.59 19.30
CA TYR A 241 19.16 32.77 19.97
C TYR A 241 19.06 33.96 19.01
N THR A 242 19.12 35.17 19.56
CA THR A 242 18.86 36.34 18.72
C THR A 242 19.89 36.53 17.61
N ASP A 243 21.11 36.00 17.76
CA ASP A 243 22.08 36.21 16.67
C ASP A 243 21.72 35.45 15.41
N LEU A 244 20.92 34.38 15.52
CA LEU A 244 20.43 33.67 14.32
C LEU A 244 19.65 34.59 13.37
N PHE A 245 18.95 35.60 13.89
CA PHE A 245 18.15 36.44 13.00
C PHE A 245 19.00 37.27 12.04
N ALA A 246 20.28 37.47 12.36
CA ALA A 246 21.17 38.20 11.46
C ALA A 246 21.93 37.30 10.48
N TYR A 247 21.70 35.99 10.50
CA TYR A 247 22.46 35.07 9.66
C TYR A 247 22.16 35.29 8.19
N LYS A 248 23.21 35.42 7.39
CA LYS A 248 23.11 35.56 5.93
C LYS A 248 23.67 34.37 5.19
N SER A 249 24.86 33.90 5.58
CA SER A 249 25.52 32.83 4.84
C SER A 249 26.62 32.24 5.71
N GLY A 250 27.18 31.13 5.25
CA GLY A 250 28.23 30.46 6.00
C GLY A 250 27.68 29.39 6.94
N VAL A 251 28.51 28.99 7.90
CA VAL A 251 28.18 27.89 8.79
C VAL A 251 27.87 28.48 10.16
N TYR A 252 26.59 28.42 10.56
CA TYR A 252 26.11 29.07 11.76
C TYR A 252 26.55 28.34 13.03
N ARG A 253 26.90 29.12 14.06
CA ARG A 253 26.92 28.64 15.44
C ARG A 253 26.68 29.83 16.36
N HIS A 254 26.04 29.57 17.48
CA HIS A 254 25.64 30.66 18.37
C HIS A 254 26.88 31.26 19.03
N VAL A 255 26.98 32.59 19.02
CA VAL A 255 28.06 33.27 19.72
C VAL A 255 27.58 34.35 20.69
N ASP A 256 26.36 34.87 20.57
CA ASP A 256 25.94 36.01 21.40
C ASP A 256 24.44 36.22 21.25
N GLY A 257 23.82 36.76 22.29
CA GLY A 257 22.42 37.15 22.22
C GLY A 257 21.53 36.32 23.13
N ASP A 258 20.29 36.80 23.25
CA ASP A 258 19.33 36.22 24.19
C ASP A 258 18.75 34.92 23.65
N PHE A 259 18.53 33.96 24.57
CA PHE A 259 17.82 32.74 24.22
C PHE A 259 16.34 33.06 23.98
N LEU A 260 15.78 32.50 22.92
CA LEU A 260 14.39 32.74 22.56
C LEU A 260 13.52 31.49 22.56
N GLY A 261 14.09 30.29 22.51
CA GLY A 261 13.28 29.09 22.53
C GLY A 261 13.75 28.08 21.51
N GLY A 262 12.85 27.19 21.13
CA GLY A 262 13.16 26.10 20.22
C GLY A 262 12.29 26.19 18.97
N THR A 263 12.87 25.80 17.84
CA THR A 263 12.17 25.80 16.57
C THR A 263 12.45 24.48 15.87
N ALA A 264 11.49 24.05 15.05
CA ALA A 264 11.58 22.76 14.37
C ALA A 264 11.87 22.99 12.89
N VAL A 265 12.86 22.27 12.37
CA VAL A 265 13.34 22.45 11.00
C VAL A 265 13.41 21.09 10.31
N LYS A 266 13.47 21.13 8.99
CA LYS A 266 13.64 19.95 8.17
C LYS A 266 15.12 19.83 7.77
N VAL A 267 15.76 18.72 8.14
CA VAL A 267 17.15 18.45 7.76
C VAL A 267 17.17 17.75 6.41
N VAL A 268 17.99 18.23 5.47
CA VAL A 268 18.03 17.64 4.15
C VAL A 268 19.40 17.11 3.73
N GLY A 269 20.50 17.45 4.39
CA GLY A 269 21.78 16.97 3.90
C GLY A 269 22.93 17.36 4.82
N TRP A 270 24.14 17.03 4.38
CA TRP A 270 25.35 17.47 5.09
C TRP A 270 26.47 17.68 4.07
N GLY A 271 27.45 18.48 4.47
CA GLY A 271 28.64 18.66 3.67
C GLY A 271 29.71 19.43 4.41
N LYS A 272 30.60 20.05 3.65
CA LYS A 272 31.67 20.86 4.20
C LYS A 272 31.80 22.14 3.40
N LEU A 273 32.03 23.26 4.09
CA LEU A 273 32.20 24.55 3.44
C LEU A 273 33.48 25.18 3.95
N ASN A 274 34.49 25.28 3.07
CA ASN A 274 35.80 25.82 3.42
C ASN A 274 36.35 25.12 4.66
N GLY A 275 36.33 23.79 4.63
CA GLY A 275 36.82 23.01 5.74
C GLY A 275 35.84 22.77 6.87
N THR A 276 34.73 23.50 6.95
CA THR A 276 33.87 23.43 8.13
C THR A 276 32.66 22.52 7.88
N PRO A 277 32.45 21.49 8.70
CA PRO A 277 31.32 20.57 8.48
C PRO A 277 29.98 21.19 8.89
N TYR A 278 28.92 20.89 8.13
CA TYR A 278 27.61 21.46 8.39
C TYR A 278 26.50 20.45 8.12
N TRP A 279 25.32 20.74 8.67
CA TRP A 279 24.04 20.19 8.22
C TRP A 279 23.34 21.23 7.37
N LYS A 280 22.69 20.79 6.29
CA LYS A 280 21.85 21.68 5.50
C LYS A 280 20.41 21.55 5.97
N VAL A 281 19.80 22.68 6.33
CA VAL A 281 18.53 22.70 7.04
C VAL A 281 17.59 23.70 6.35
N ALA A 282 16.35 23.29 6.10
CA ALA A 282 15.34 24.19 5.55
C ALA A 282 14.64 24.89 6.71
N ASN A 283 14.82 26.20 6.80
CA ASN A 283 14.05 26.96 7.76
C ASN A 283 12.65 27.19 7.21
N THR A 284 11.77 27.77 8.03
CA THR A 284 10.41 28.08 7.61
C THR A 284 10.13 29.58 7.58
N TRP A 285 11.16 30.37 7.28
CA TRP A 285 11.04 31.84 7.31
C TRP A 285 11.11 32.45 5.91
N ASP A 286 10.64 31.70 4.90
CA ASP A 286 10.60 32.12 3.50
C ASP A 286 12.00 32.17 2.88
N THR A 287 12.08 32.39 1.57
CA THR A 287 13.35 32.31 0.84
C THR A 287 14.18 33.58 0.93
N ASP A 288 13.66 34.65 1.52
CA ASP A 288 14.42 35.89 1.69
C ASP A 288 15.25 35.91 2.97
N TRP A 289 15.27 34.82 3.73
CA TRP A 289 16.17 34.70 4.87
C TRP A 289 17.23 33.65 4.57
N GLY A 290 18.41 33.82 5.16
CA GLY A 290 19.46 32.82 5.07
C GLY A 290 19.99 32.67 3.65
N MET A 291 20.36 31.43 3.33
CA MET A 291 20.83 31.09 1.98
C MET A 291 19.65 30.54 1.19
N ASP A 292 18.85 31.46 0.63
CA ASP A 292 17.66 31.12 -0.14
C ASP A 292 16.68 30.30 0.70
N GLY A 293 16.57 30.63 1.99
CA GLY A 293 15.70 29.93 2.91
C GLY A 293 16.39 28.89 3.76
N TYR A 294 17.60 28.50 3.40
CA TYR A 294 18.32 27.43 4.09
C TYR A 294 19.26 27.97 5.16
N LEU A 295 19.50 27.15 6.17
CA LEU A 295 20.50 27.39 7.20
C LEU A 295 21.54 26.28 7.15
N LEU A 296 22.81 26.66 7.10
CA LEU A 296 23.91 25.72 7.32
C LEU A 296 24.36 25.88 8.77
N ILE A 297 24.32 24.79 9.54
CA ILE A 297 24.65 24.83 10.96
C ILE A 297 25.77 23.83 11.23
N LEU A 298 26.72 24.23 12.10
CA LEU A 298 27.86 23.38 12.43
C LEU A 298 27.43 21.97 12.80
N ARG A 299 28.17 20.99 12.27
CA ARG A 299 27.91 19.56 12.45
C ARG A 299 29.07 18.91 13.19
N GLY A 300 28.74 18.05 14.17
CA GLY A 300 29.77 17.28 14.82
C GLY A 300 29.80 17.39 16.33
N ASN A 301 29.38 18.52 16.90
CA ASN A 301 29.44 18.67 18.36
C ASN A 301 28.11 19.14 18.94
N ASN A 302 27.00 18.63 18.42
CA ASN A 302 25.65 18.92 18.94
C ASN A 302 25.42 20.43 19.07
N GLU A 303 25.78 21.16 18.03
CA GLU A 303 25.63 22.62 18.02
C GLU A 303 24.18 23.06 18.23
N CYS A 304 23.97 23.95 19.20
CA CYS A 304 22.64 24.44 19.61
C CYS A 304 21.63 23.32 19.81
N ASN A 305 22.15 22.13 20.15
CA ASN A 305 21.37 20.93 20.48
C ASN A 305 20.73 20.28 19.25
N ILE A 306 21.22 20.59 18.05
CA ILE A 306 20.58 20.11 16.81
C ILE A 306 20.66 18.59 16.66
N GLU A 307 21.66 17.94 17.26
CA GLU A 307 21.88 16.51 17.11
C GLU A 307 21.20 15.70 18.22
N HIS A 308 20.47 16.36 19.11
CA HIS A 308 19.91 15.69 20.28
C HIS A 308 18.75 14.76 19.92
N LEU A 309 17.93 15.11 18.93
CA LEU A 309 16.68 14.38 18.73
C LEU A 309 16.09 14.68 17.36
N GLY A 310 15.86 13.65 16.55
CA GLY A 310 15.17 13.79 15.29
C GLY A 310 13.90 12.95 15.22
N PHE A 311 12.90 13.45 14.50
CA PHE A 311 11.63 12.74 14.30
C PHE A 311 11.46 12.34 12.83
N ALA A 312 10.94 11.13 12.60
CA ALA A 312 10.68 10.64 11.25
C ALA A 312 9.53 9.64 11.30
N GLY A 313 9.14 9.13 10.14
CA GLY A 313 7.99 8.25 10.05
C GLY A 313 7.78 7.74 8.65
N THR A 314 6.81 6.84 8.52
CA THR A 314 6.60 6.04 7.32
C THR A 314 5.15 6.18 6.86
N PRO A 315 4.92 6.49 5.59
CA PRO A 315 3.53 6.53 5.07
C PRO A 315 2.96 5.14 4.83
N GLU A 316 1.65 4.99 5.09
CA GLU A 316 0.95 3.76 4.72
C GLU A 316 1.11 3.48 3.22
N THR A 317 1.32 2.23 2.88
CA THR A 317 1.36 1.85 1.46
C THR A 317 0.50 0.61 1.17
N SER A 318 0.99 -0.42 0.71
N ALA B 12 -13.78 -51.69 32.30
CA ALA B 12 -14.76 -50.97 31.45
C ALA B 12 -14.30 -50.62 30.08
N PRO B 13 -14.29 -51.66 29.25
CA PRO B 13 -14.22 -51.47 27.80
C PRO B 13 -15.05 -50.28 27.26
N VAL B 14 -14.40 -49.52 26.37
CA VAL B 14 -15.08 -48.54 25.53
C VAL B 14 -15.77 -49.22 24.37
N LEU B 15 -15.17 -50.30 23.84
CA LEU B 15 -15.63 -50.94 22.62
C LEU B 15 -16.08 -52.36 22.90
N THR B 16 -17.18 -52.75 22.24
CA THR B 16 -17.65 -54.13 22.18
C THR B 16 -18.08 -54.41 20.75
N LYS B 17 -18.27 -55.70 20.44
CA LYS B 17 -18.71 -56.06 19.10
C LYS B 17 -20.13 -55.55 18.81
N THR B 18 -21.01 -55.55 19.81
CA THR B 18 -22.36 -55.05 19.55
C THR B 18 -22.39 -53.54 19.38
N PHE B 19 -21.56 -52.82 20.15
CA PHE B 19 -21.42 -51.39 19.94
C PHE B 19 -20.88 -51.07 18.55
N VAL B 20 -19.87 -51.82 18.10
CA VAL B 20 -19.31 -51.59 16.76
C VAL B 20 -20.34 -51.95 15.68
N ASP B 21 -21.09 -53.03 15.86
CA ASP B 21 -22.12 -53.37 14.87
C ASP B 21 -23.16 -52.27 14.76
N ARG B 22 -23.57 -51.71 15.90
CA ARG B 22 -24.51 -50.61 15.93
C ARG B 22 -23.97 -49.39 15.21
N ILE B 23 -22.68 -49.08 15.38
CA ILE B 23 -22.08 -47.93 14.73
C ILE B 23 -22.15 -48.06 13.21
N ASN B 24 -21.87 -49.26 12.69
CA ASN B 24 -21.90 -49.45 11.25
C ASN B 24 -23.33 -49.44 10.71
N GLN B 25 -24.32 -49.74 11.55
CA GLN B 25 -25.70 -49.57 11.12
C GLN B 25 -26.07 -48.10 10.99
N LEU B 26 -25.63 -47.28 11.96
CA LEU B 26 -26.05 -45.89 12.03
C LEU B 26 -25.29 -45.01 11.04
N ASN B 27 -24.06 -45.36 10.66
CA ASN B 27 -23.31 -44.46 9.78
C ASN B 27 -23.56 -44.74 8.30
N GLY B 28 -24.39 -45.71 7.96
CA GLY B 28 -24.74 -45.99 6.58
C GLY B 28 -23.58 -46.38 5.67
N GLY B 29 -22.45 -46.77 6.26
CA GLY B 29 -21.31 -47.13 5.46
C GLY B 29 -20.40 -45.99 5.05
N MET B 30 -20.64 -44.77 5.55
CA MET B 30 -19.75 -43.67 5.23
C MET B 30 -18.33 -43.89 5.78
N TRP B 31 -18.21 -44.59 6.91
CA TRP B 31 -16.90 -45.01 7.41
C TRP B 31 -17.01 -46.41 8.00
N LYS B 32 -15.86 -47.03 8.19
CA LYS B 32 -15.78 -48.41 8.67
C LYS B 32 -15.31 -48.42 10.12
N ALA B 33 -16.15 -48.94 11.01
CA ALA B 33 -15.78 -49.19 12.40
C ALA B 33 -15.43 -50.66 12.61
N VAL B 34 -14.38 -50.92 13.40
CA VAL B 34 -13.90 -52.27 13.62
C VAL B 34 -13.68 -52.51 15.10
N TYR B 35 -13.86 -53.75 15.52
CA TYR B 35 -13.65 -54.14 16.91
C TYR B 35 -12.26 -54.73 17.18
N ASN B 36 -11.61 -55.32 16.18
CA ASN B 36 -10.33 -55.99 16.32
C ASN B 36 -9.13 -55.10 15.97
N GLY B 37 -9.20 -53.81 16.24
CA GLY B 37 -8.13 -52.87 15.91
C GLY B 37 -7.21 -52.59 17.07
N LYS B 38 -6.46 -51.49 16.95
CA LYS B 38 -5.55 -51.07 18.01
C LYS B 38 -6.27 -50.85 19.34
N MET B 39 -7.49 -50.29 19.30
CA MET B 39 -8.19 -49.87 20.50
C MET B 39 -9.13 -50.95 21.06
N GLN B 40 -8.98 -52.20 20.61
CA GLN B 40 -9.96 -53.25 20.90
C GLN B 40 -10.31 -53.32 22.37
N ASN B 41 -9.29 -53.29 23.25
CA ASN B 41 -9.49 -53.51 24.67
C ASN B 41 -9.32 -52.24 25.51
N ILE B 42 -9.34 -51.05 24.88
CA ILE B 42 -9.12 -49.83 25.65
C ILE B 42 -10.27 -49.60 26.63
N THR B 43 -9.94 -49.11 27.83
CA THR B 43 -10.92 -48.77 28.85
C THR B 43 -11.19 -47.25 28.87
N PHE B 44 -12.26 -46.89 29.59
CA PHE B 44 -12.63 -45.48 29.70
C PHE B 44 -11.51 -44.65 30.32
N ALA B 45 -10.86 -45.19 31.36
CA ALA B 45 -9.75 -44.46 31.98
C ALA B 45 -8.60 -44.29 30.99
N GLU B 46 -8.30 -45.32 30.20
CA GLU B 46 -7.24 -45.20 29.21
C GLU B 46 -7.64 -44.26 28.06
N ALA B 47 -8.91 -44.29 27.62
CA ALA B 47 -9.34 -43.40 26.54
C ALA B 47 -9.23 -41.94 26.94
N LYS B 48 -9.46 -41.63 28.22
CA LYS B 48 -9.34 -40.28 28.73
C LYS B 48 -7.91 -39.75 28.70
N ARG B 49 -6.90 -40.63 28.61
CA ARG B 49 -5.53 -40.14 28.42
C ARG B 49 -5.34 -39.47 27.05
N LEU B 50 -6.25 -39.70 26.11
CA LEU B 50 -6.09 -39.17 24.76
C LEU B 50 -6.89 -37.91 24.48
N THR B 51 -7.56 -37.33 25.48
CA THR B 51 -8.18 -36.03 25.28
C THR B 51 -7.46 -34.95 26.08
N GLY B 52 -8.18 -33.96 26.62
CA GLY B 52 -7.55 -32.94 27.42
C GLY B 52 -6.96 -31.76 26.68
N ALA B 53 -7.42 -31.48 25.46
CA ALA B 53 -7.07 -30.24 24.77
C ALA B 53 -8.12 -29.20 25.13
N TRP B 54 -7.68 -28.14 25.79
CA TRP B 54 -8.58 -27.15 26.39
C TRP B 54 -8.59 -25.87 25.57
N ILE B 55 -9.71 -25.17 25.60
CA ILE B 55 -9.91 -23.99 24.75
C ILE B 55 -10.31 -22.80 25.61
N GLN B 56 -9.67 -21.68 25.31
CA GLN B 56 -9.83 -20.40 25.98
C GLN B 56 -10.86 -19.60 25.17
N LYS B 57 -12.10 -19.57 25.66
CA LYS B 57 -13.24 -19.15 24.81
C LYS B 57 -13.16 -17.68 24.42
N THR B 58 -12.53 -16.83 25.22
CA THR B 58 -12.30 -15.45 24.79
C THR B 58 -11.02 -15.31 23.96
N SER B 59 -9.97 -16.05 24.32
CA SER B 59 -8.68 -16.05 23.64
C SER B 59 -7.99 -14.68 23.69
N SER B 60 -8.23 -13.85 22.66
CA SER B 60 -7.66 -12.52 22.39
C SER B 60 -6.53 -12.56 21.38
N LEU B 61 -6.19 -13.74 20.86
CA LEU B 61 -5.24 -13.82 19.76
C LEU B 61 -5.87 -13.19 18.51
N PRO B 62 -5.08 -12.55 17.66
CA PRO B 62 -5.66 -11.82 16.52
C PRO B 62 -6.16 -12.77 15.44
N PRO B 63 -7.12 -12.35 14.63
CA PRO B 63 -7.56 -13.18 13.50
C PRO B 63 -6.55 -13.14 12.36
N VAL B 64 -6.62 -14.17 11.51
CA VAL B 64 -5.76 -14.21 10.33
C VAL B 64 -6.13 -13.04 9.39
N ARG B 65 -5.12 -12.54 8.68
CA ARG B 65 -5.35 -11.51 7.67
C ARG B 65 -4.70 -11.96 6.36
N PHE B 66 -5.51 -12.21 5.34
CA PHE B 66 -4.98 -12.59 4.03
C PHE B 66 -4.75 -11.35 3.18
N THR B 67 -3.72 -11.39 2.34
CA THR B 67 -3.48 -10.34 1.36
C THR B 67 -4.57 -10.38 0.28
N GLU B 68 -4.65 -9.29 -0.47
CA GLU B 68 -5.65 -9.24 -1.54
C GLU B 68 -5.33 -10.25 -2.62
N GLU B 69 -4.05 -10.39 -2.98
CA GLU B 69 -3.65 -11.41 -3.95
C GLU B 69 -4.05 -12.80 -3.47
N GLN B 70 -3.84 -13.09 -2.18
CA GLN B 70 -4.25 -14.38 -1.63
C GLN B 70 -5.77 -14.55 -1.68
N LEU B 71 -6.51 -13.48 -1.36
CA LEU B 71 -7.97 -13.58 -1.35
C LEU B 71 -8.52 -13.81 -2.75
N ARG B 72 -7.89 -13.24 -3.78
CA ARG B 72 -8.35 -13.44 -5.15
C ARG B 72 -7.92 -14.76 -5.75
N THR B 73 -7.14 -15.58 -5.05
CA THR B 73 -6.59 -16.79 -5.65
C THR B 73 -7.65 -17.90 -5.69
N GLU B 74 -7.77 -18.57 -6.83
CA GLU B 74 -8.71 -19.68 -6.94
C GLU B 74 -8.12 -20.93 -6.30
N LEU B 75 -8.88 -21.54 -5.31
CA LEU B 75 -8.38 -22.69 -4.56
C LEU B 75 -8.80 -24.00 -5.22
N PRO B 76 -7.97 -25.04 -5.17
CA PRO B 76 -8.27 -26.26 -5.91
C PRO B 76 -9.34 -27.10 -5.22
N GLU B 77 -9.86 -28.09 -5.96
CA GLU B 77 -10.94 -28.91 -5.44
C GLU B 77 -10.45 -29.90 -4.39
N SER B 78 -9.23 -30.43 -4.58
CA SER B 78 -8.53 -31.21 -3.56
C SER B 78 -7.19 -30.58 -3.29
N PHE B 79 -6.61 -30.86 -2.11
CA PHE B 79 -5.30 -30.34 -1.75
C PHE B 79 -4.64 -31.21 -0.69
N ASP B 80 -3.32 -31.38 -0.82
CA ASP B 80 -2.53 -32.10 0.17
C ASP B 80 -1.23 -31.35 0.39
N SER B 81 -0.97 -30.98 1.65
CA SER B 81 0.24 -30.24 2.00
C SER B 81 1.50 -30.96 1.55
N ALA B 82 1.56 -32.29 1.75
CA ALA B 82 2.74 -33.04 1.36
C ALA B 82 2.98 -32.99 -0.15
N GLU B 83 1.91 -32.82 -0.95
CA GLU B 83 2.08 -32.69 -2.39
C GLU B 83 2.60 -31.32 -2.80
N LYS B 84 2.21 -30.25 -2.07
CA LYS B 84 2.72 -28.93 -2.42
C LYS B 84 4.15 -28.71 -1.93
N TRP B 85 4.50 -29.29 -0.78
CA TRP B 85 5.86 -29.22 -0.25
C TRP B 85 6.45 -30.63 -0.17
N PRO B 86 6.76 -31.24 -1.32
CA PRO B 86 7.30 -32.61 -1.30
C PRO B 86 8.69 -32.72 -0.69
N ASN B 87 9.42 -31.62 -0.56
CA ASN B 87 10.75 -31.62 0.05
C ASN B 87 10.70 -31.29 1.55
N CYS B 88 9.53 -31.37 2.18
CA CYS B 88 9.40 -31.09 3.61
C CYS B 88 9.03 -32.37 4.35
N PRO B 89 10.02 -33.13 4.87
CA PRO B 89 9.71 -34.49 5.38
C PRO B 89 8.88 -34.50 6.64
N THR B 90 8.96 -33.50 7.51
CA THR B 90 8.21 -33.52 8.77
C THR B 90 6.69 -33.50 8.54
N ILE B 91 6.21 -33.01 7.40
CA ILE B 91 4.77 -32.94 7.14
C ILE B 91 4.13 -34.32 7.23
N ARG B 92 4.86 -35.36 6.83
CA ARG B 92 4.31 -36.72 6.75
C ARG B 92 4.56 -37.58 7.98
N GLU B 93 5.17 -37.04 9.04
CA GLU B 93 5.56 -37.86 10.19
C GLU B 93 4.43 -37.88 11.24
N ILE B 94 3.90 -39.08 11.50
CA ILE B 94 2.83 -39.27 12.49
C ILE B 94 3.47 -39.50 13.86
N ALA B 95 2.99 -38.77 14.86
CA ALA B 95 3.55 -38.90 16.21
C ALA B 95 2.71 -39.85 17.08
N ASP B 96 3.26 -40.18 18.24
CA ASP B 96 2.56 -40.99 19.23
C ASP B 96 2.66 -40.29 20.57
N GLN B 97 1.53 -39.73 21.04
CA GLN B 97 1.53 -39.00 22.30
C GLN B 97 1.69 -39.93 23.50
N SER B 98 1.48 -41.23 23.32
CA SER B 98 1.54 -42.20 24.41
C SER B 98 0.46 -41.92 25.45
N ALA B 99 0.63 -42.43 26.68
CA ALA B 99 -0.39 -42.30 27.74
C ALA B 99 -0.25 -41.01 28.53
N CYS B 100 0.03 -39.90 27.84
CA CYS B 100 0.15 -38.57 28.41
C CYS B 100 -0.83 -37.67 27.66
N ARG B 101 -1.59 -36.85 28.39
CA ARG B 101 -2.67 -36.06 27.77
C ARG B 101 -2.08 -34.85 27.06
N ALA B 102 -1.40 -35.11 25.94
CA ALA B 102 -0.44 -34.16 25.40
C ALA B 102 -0.66 -33.77 23.94
N SER B 103 -1.80 -34.14 23.33
CA SER B 103 -2.03 -33.70 21.96
C SER B 103 -1.95 -32.19 21.82
N TRP B 104 -2.26 -31.43 22.88
CA TRP B 104 -2.16 -29.98 22.81
C TRP B 104 -0.75 -29.53 22.44
N ALA B 105 0.26 -30.22 22.98
CA ALA B 105 1.65 -29.87 22.70
C ALA B 105 2.21 -30.64 21.50
N VAL B 106 1.82 -31.91 21.33
CA VAL B 106 2.38 -32.71 20.24
C VAL B 106 1.94 -32.14 18.90
N SER B 107 0.66 -31.77 18.77
CA SER B 107 0.20 -31.28 17.47
C SER B 107 0.71 -29.86 17.21
N THR B 108 0.78 -29.02 18.24
CA THR B 108 1.37 -27.69 18.06
C THR B 108 2.84 -27.77 17.63
N ALA B 109 3.64 -28.62 18.30
CA ALA B 109 5.05 -28.74 17.93
C ALA B 109 5.21 -29.28 16.53
N SER B 110 4.34 -30.23 16.14
CA SER B 110 4.39 -30.81 14.81
C SER B 110 4.10 -29.76 13.74
N VAL B 111 3.10 -28.89 13.98
CA VAL B 111 2.82 -27.83 13.02
C VAL B 111 3.98 -26.84 12.95
N ILE B 112 4.55 -26.48 14.09
CA ILE B 112 5.66 -25.52 14.09
C ILE B 112 6.82 -26.05 13.25
N SER B 113 7.12 -27.35 13.39
CA SER B 113 8.17 -27.97 12.60
C SER B 113 7.89 -27.85 11.10
N ASP B 114 6.65 -28.13 10.69
CA ASP B 114 6.29 -28.05 9.26
C ASP B 114 6.43 -26.62 8.75
N ARG B 115 5.99 -25.64 9.53
CA ARG B 115 6.04 -24.25 9.09
C ARG B 115 7.46 -23.73 8.92
N TYR B 116 8.42 -24.26 9.69
CA TYR B 116 9.84 -23.95 9.42
C TYR B 116 10.21 -24.29 8.00
N CYS B 117 9.68 -25.40 7.47
CA CYS B 117 9.96 -25.74 6.09
C CYS B 117 9.04 -25.01 5.10
N THR B 118 7.75 -24.82 5.42
CA THR B 118 6.83 -24.24 4.43
C THR B 118 6.93 -22.71 4.37
N VAL B 119 7.31 -22.06 5.47
CA VAL B 119 7.28 -20.60 5.56
C VAL B 119 8.61 -20.05 6.06
N GLY B 120 9.35 -20.83 6.85
CA GLY B 120 10.50 -20.30 7.58
C GLY B 120 11.90 -20.55 7.03
N GLY B 121 12.05 -21.15 5.85
CA GLY B 121 13.38 -21.33 5.28
C GLY B 121 14.28 -22.35 5.94
N VAL B 122 13.75 -23.26 6.76
CA VAL B 122 14.55 -24.29 7.42
C VAL B 122 13.93 -25.65 7.07
N GLN B 123 14.71 -26.48 6.38
CA GLN B 123 14.12 -27.66 5.75
C GLN B 123 13.78 -28.78 6.74
N GLN B 124 14.58 -28.95 7.83
CA GLN B 124 14.42 -30.13 8.71
C GLN B 124 14.65 -29.78 10.19
N LEU B 125 13.68 -29.10 10.77
CA LEU B 125 13.76 -28.69 12.17
C LEU B 125 12.58 -29.28 12.91
N ARG B 126 12.81 -30.31 13.70
CA ARG B 126 11.78 -30.93 14.51
C ARG B 126 11.80 -30.31 15.90
N ILE B 127 10.69 -29.72 16.29
CA ILE B 127 10.54 -28.94 17.52
C ILE B 127 10.08 -29.88 18.63
N SER B 128 10.58 -29.66 19.85
CA SER B 128 10.38 -30.59 20.96
C SER B 128 9.02 -30.41 21.63
N ALA B 129 8.13 -31.39 21.45
CA ALA B 129 6.90 -31.44 22.26
C ALA B 129 7.19 -31.60 23.75
N ALA B 130 8.24 -32.33 24.11
CA ALA B 130 8.54 -32.56 25.53
C ALA B 130 8.93 -31.26 26.25
N HIS B 131 9.72 -30.41 25.58
CA HIS B 131 10.11 -29.13 26.17
C HIS B 131 8.91 -28.22 26.39
N LEU B 132 8.03 -28.12 25.40
CA LEU B 132 6.81 -27.32 25.56
C LEU B 132 5.94 -27.88 26.69
N LEU B 133 5.73 -29.19 26.68
CA LEU B 133 4.94 -29.88 27.69
C LEU B 133 5.46 -29.63 29.10
N SER B 134 6.78 -29.66 29.28
CA SER B 134 7.33 -29.60 30.61
C SER B 134 7.70 -28.19 31.06
N CYS B 135 8.02 -27.28 30.13
CA CYS B 135 8.49 -25.96 30.54
C CYS B 135 7.44 -24.84 30.44
N CYS B 136 6.38 -24.99 29.63
CA CYS B 136 5.31 -23.98 29.63
C CYS B 136 4.29 -24.32 30.72
N LYS B 137 4.62 -23.92 31.95
CA LYS B 137 3.73 -24.19 33.08
C LYS B 137 2.40 -23.44 32.95
N GLN B 138 2.40 -22.29 32.28
CA GLN B 138 1.16 -21.53 32.14
C GLN B 138 0.26 -22.08 31.04
N CYS B 139 0.75 -23.03 30.23
CA CYS B 139 -0.02 -23.60 29.14
C CYS B 139 -1.06 -24.60 29.58
N GLY B 140 -0.86 -25.22 30.73
CA GLY B 140 -1.77 -26.23 31.20
C GLY B 140 -1.13 -27.02 32.31
N GLY B 141 -1.36 -28.32 32.33
CA GLY B 141 -0.80 -29.15 33.37
C GLY B 141 0.03 -30.30 32.84
N GLY B 142 0.80 -30.06 31.77
CA GLY B 142 1.67 -31.09 31.22
C GLY B 142 0.87 -32.28 30.69
N CYS B 143 1.17 -33.44 31.25
CA CYS B 143 0.44 -34.68 30.98
C CYS B 143 -1.00 -34.68 31.51
N LYS B 144 -1.44 -33.64 32.21
CA LYS B 144 -2.85 -33.53 32.61
C LYS B 144 -3.74 -32.87 31.55
N GLY B 145 -3.16 -32.19 30.57
CA GLY B 145 -3.89 -31.42 29.57
C GLY B 145 -3.30 -30.02 29.43
N GLY B 146 -3.81 -29.30 28.42
CA GLY B 146 -3.31 -27.96 28.16
C GLY B 146 -4.07 -27.25 27.05
N PHE B 147 -3.74 -25.96 26.90
CA PHE B 147 -4.36 -25.09 25.90
C PHE B 147 -3.45 -24.93 24.69
N PRO B 148 -3.86 -25.33 23.49
CA PRO B 148 -3.05 -25.04 22.28
C PRO B 148 -2.80 -23.55 22.07
N GLY B 149 -3.77 -22.69 22.37
CA GLY B 149 -3.58 -21.27 22.16
C GLY B 149 -2.45 -20.70 23.01
N PHE B 150 -2.38 -21.12 24.28
CA PHE B 150 -1.28 -20.72 25.16
C PHE B 150 0.06 -21.28 24.69
N ALA B 151 0.06 -22.47 24.09
CA ALA B 151 1.30 -22.99 23.52
C ALA B 151 1.83 -22.08 22.42
N TRP B 152 0.93 -21.55 21.57
CA TRP B 152 1.37 -20.68 20.49
C TRP B 152 1.95 -19.38 21.01
N ARG B 153 1.33 -18.79 22.05
CA ARG B 153 1.90 -17.61 22.69
C ARG B 153 3.28 -17.90 23.28
N TYR B 154 3.45 -19.05 23.93
CA TYR B 154 4.76 -19.40 24.49
C TYR B 154 5.82 -19.47 23.39
N TYR B 155 5.46 -20.02 22.24
CA TYR B 155 6.38 -20.08 21.11
C TYR B 155 6.84 -18.69 20.70
N VAL B 156 5.90 -17.73 20.64
CA VAL B 156 6.28 -16.36 20.27
C VAL B 156 7.10 -15.70 21.38
N GLU B 157 6.65 -15.83 22.63
CA GLU B 157 7.23 -15.06 23.72
C GLU B 157 8.56 -15.64 24.18
N TYR B 158 8.66 -16.97 24.26
CA TYR B 158 9.79 -17.63 24.92
C TYR B 158 10.56 -18.57 24.02
N GLY B 159 9.91 -19.26 23.09
CA GLY B 159 10.62 -20.19 22.21
C GLY B 159 10.74 -21.59 22.80
N ILE B 160 10.95 -22.55 21.90
CA ILE B 160 10.89 -23.98 22.21
C ILE B 160 12.16 -24.63 21.69
N ALA B 161 12.67 -25.62 22.43
CA ALA B 161 13.84 -26.37 22.02
C ALA B 161 13.50 -27.34 20.88
N SER B 162 14.53 -27.94 20.30
CA SER B 162 14.36 -28.95 19.26
C SER B 162 14.33 -30.36 19.87
N SER B 163 13.77 -31.29 19.09
CA SER B 163 13.71 -32.69 19.53
C SER B 163 15.09 -33.33 19.59
N TYR B 164 16.03 -32.83 18.79
CA TYR B 164 17.41 -33.28 18.93
C TYR B 164 17.94 -32.98 20.33
N CYS B 165 17.50 -31.86 20.90
CA CYS B 165 17.91 -31.48 22.26
C CYS B 165 17.06 -32.18 23.31
N GLN B 166 15.73 -32.21 23.17
CA GLN B 166 14.86 -32.92 24.11
C GLN B 166 13.88 -33.81 23.37
N PRO B 167 14.25 -35.07 23.15
CA PRO B 167 13.36 -35.98 22.43
C PRO B 167 12.17 -36.38 23.31
N TYR B 168 11.12 -36.87 22.65
CA TYR B 168 9.89 -37.23 23.37
C TYR B 168 10.13 -38.42 24.29
N PRO B 169 9.89 -38.31 25.60
CA PRO B 169 10.37 -39.32 26.54
C PRO B 169 9.50 -40.56 26.65
N PHE B 170 8.23 -40.54 26.10
CA PHE B 170 7.30 -41.60 26.45
C PHE B 170 7.21 -42.66 25.34
N PRO B 171 7.09 -43.94 25.71
CA PRO B 171 7.12 -45.02 24.74
C PRO B 171 5.75 -45.31 24.14
N HIS B 172 5.76 -46.18 23.12
CA HIS B 172 4.54 -46.47 22.36
C HIS B 172 3.48 -47.12 23.25
N CYS B 173 3.80 -48.29 23.83
CA CYS B 173 3.00 -48.93 24.86
C CYS B 173 1.65 -49.45 24.36
N GLU B 174 1.21 -50.58 24.90
CA GLU B 174 -0.08 -51.16 24.59
C GLU B 174 -0.91 -51.28 25.87
N ASN B 189 5.48 -45.10 33.77
CA ASN B 189 5.29 -43.84 34.49
C ASN B 189 5.06 -42.70 33.51
N PHE B 190 4.00 -41.92 33.77
CA PHE B 190 3.55 -40.85 32.86
C PHE B 190 3.31 -39.56 33.62
N ASP B 191 4.13 -39.32 34.64
CA ASP B 191 4.21 -37.98 35.23
C ASP B 191 4.76 -37.00 34.20
N THR B 192 4.40 -35.73 34.38
CA THR B 192 4.98 -34.68 33.56
C THR B 192 6.48 -34.59 33.82
N PRO B 193 7.32 -34.63 32.79
CA PRO B 193 8.77 -34.49 33.03
C PRO B 193 9.07 -33.14 33.66
N LYS B 194 10.14 -33.13 34.46
CA LYS B 194 10.68 -31.89 34.98
C LYS B 194 11.24 -31.03 33.85
N CYS B 195 11.03 -29.72 33.93
CA CYS B 195 11.58 -28.78 32.97
C CYS B 195 13.10 -28.68 33.13
N GLN B 196 13.83 -28.77 32.03
CA GLN B 196 15.29 -28.68 32.08
C GLN B 196 15.77 -27.59 31.14
N ALA B 197 16.76 -26.82 31.58
CA ALA B 197 17.41 -25.84 30.73
C ALA B 197 18.54 -26.44 29.90
N THR B 198 18.76 -27.75 29.98
CA THR B 198 19.79 -28.45 29.24
C THR B 198 19.17 -29.55 28.39
N CYS B 199 19.93 -30.01 27.40
CA CYS B 199 19.51 -31.11 26.55
C CYS B 199 19.66 -32.43 27.29
N THR B 200 18.89 -33.43 26.85
CA THR B 200 18.95 -34.74 27.49
C THR B 200 20.37 -35.29 27.46
N ASP B 201 20.98 -35.29 26.28
CA ASP B 201 22.43 -35.48 26.15
C ASP B 201 23.11 -34.16 26.47
N LYS B 202 23.76 -34.09 27.64
CA LYS B 202 24.30 -32.83 28.14
C LYS B 202 25.41 -32.26 27.28
N SER B 203 26.00 -33.06 26.40
CA SER B 203 27.00 -32.53 25.48
C SER B 203 26.40 -31.71 24.34
N ILE B 204 25.08 -31.66 24.22
CA ILE B 204 24.41 -30.94 23.14
C ILE B 204 23.93 -29.59 23.67
N PRO B 205 24.26 -28.47 23.03
CA PRO B 205 23.77 -27.17 23.49
C PRO B 205 22.28 -26.99 23.19
N LEU B 206 21.61 -26.24 24.06
CA LEU B 206 20.17 -25.98 23.96
C LEU B 206 19.95 -24.70 23.16
N VAL B 207 19.26 -24.83 22.03
CA VAL B 207 18.94 -23.72 21.13
C VAL B 207 17.42 -23.53 21.12
N LYS B 208 16.97 -22.30 21.34
CA LYS B 208 15.54 -21.98 21.40
C LYS B 208 15.07 -21.32 20.10
N TYR B 209 13.90 -21.75 19.62
CA TYR B 209 13.31 -21.26 18.40
C TYR B 209 12.00 -20.55 18.71
N ARG B 210 11.87 -19.32 18.20
CA ARG B 210 10.73 -18.46 18.52
C ARG B 210 9.92 -18.15 17.27
N GLY B 211 8.63 -17.85 17.48
CA GLY B 211 7.79 -17.33 16.42
C GLY B 211 7.78 -15.82 16.39
N SER B 212 7.38 -15.26 15.26
CA SER B 212 7.16 -13.83 15.18
C SER B 212 5.70 -13.45 15.41
N ALA B 213 4.75 -14.34 15.09
CA ALA B 213 3.34 -14.02 15.23
C ALA B 213 2.52 -15.30 15.34
N THR B 214 1.37 -15.21 15.98
CA THR B 214 0.41 -16.30 16.02
C THR B 214 -1.00 -15.72 15.85
N TYR B 215 -1.87 -16.47 15.18
CA TYR B 215 -3.19 -15.95 14.77
C TYR B 215 -4.19 -17.09 14.70
N LEU B 216 -5.48 -16.73 14.59
CA LEU B 216 -6.59 -17.68 14.64
C LEU B 216 -7.38 -17.71 13.34
N LEU B 217 -7.93 -18.88 13.01
CA LEU B 217 -8.83 -19.05 11.86
C LEU B 217 -10.24 -19.18 12.42
N LEU B 218 -11.06 -18.15 12.22
CA LEU B 218 -12.39 -18.06 12.85
C LEU B 218 -13.56 -18.17 11.89
N HIS B 219 -13.33 -18.27 10.57
CA HIS B 219 -14.43 -18.24 9.62
C HIS B 219 -14.57 -19.55 8.83
N GLY B 220 -14.10 -20.65 9.42
CA GLY B 220 -14.45 -21.97 8.92
C GLY B 220 -13.74 -22.42 7.66
N GLU B 221 -14.50 -23.12 6.79
CA GLU B 221 -13.90 -23.91 5.72
C GLU B 221 -13.03 -23.08 4.80
N GLU B 222 -13.48 -21.88 4.42
CA GLU B 222 -12.70 -21.07 3.48
C GLU B 222 -11.45 -20.48 4.13
N ASP B 223 -11.46 -20.21 5.45
CA ASP B 223 -10.22 -19.87 6.14
C ASP B 223 -9.24 -21.04 6.12
N TYR B 224 -9.75 -22.25 6.44
CA TYR B 224 -8.91 -23.45 6.50
C TYR B 224 -8.23 -23.73 5.17
N LYS B 225 -9.00 -23.69 4.06
CA LYS B 225 -8.44 -23.97 2.74
C LYS B 225 -7.38 -22.95 2.36
N ARG B 226 -7.67 -21.66 2.58
CA ARG B 226 -6.74 -20.61 2.16
C ARG B 226 -5.43 -20.68 2.97
N GLU B 227 -5.53 -20.96 4.27
CA GLU B 227 -4.32 -21.03 5.12
C GLU B 227 -3.47 -22.25 4.75
N LEU B 228 -4.10 -23.42 4.59
CA LEU B 228 -3.38 -24.60 4.13
C LEU B 228 -2.66 -24.34 2.81
N TYR B 229 -3.39 -23.75 1.85
CA TYR B 229 -2.89 -23.59 0.49
C TYR B 229 -1.65 -22.70 0.45
N PHE B 230 -1.63 -21.64 1.25
CA PHE B 230 -0.48 -20.74 1.19
C PHE B 230 0.61 -21.06 2.22
N ASN B 231 0.26 -21.58 3.39
CA ASN B 231 1.19 -21.69 4.51
C ASN B 231 1.35 -23.10 5.08
N GLY B 232 0.49 -24.04 4.75
CA GLY B 232 0.62 -25.40 5.24
C GLY B 232 -0.22 -25.71 6.47
N PRO B 233 0.14 -26.82 7.12
CA PRO B 233 -0.69 -27.36 8.22
C PRO B 233 -0.92 -26.40 9.39
N PHE B 234 -2.04 -26.61 10.08
CA PHE B 234 -2.37 -25.84 11.28
C PHE B 234 -3.06 -26.75 12.30
N VAL B 235 -3.25 -26.25 13.52
CA VAL B 235 -3.88 -27.01 14.62
C VAL B 235 -5.39 -26.72 14.66
N ALA B 236 -6.19 -27.76 14.82
CA ALA B 236 -7.61 -27.63 15.17
C ALA B 236 -7.97 -28.58 16.31
N VAL B 237 -9.00 -28.23 17.09
CA VAL B 237 -9.52 -29.08 18.15
C VAL B 237 -10.91 -29.54 17.77
N PHE B 238 -11.24 -30.78 18.09
CA PHE B 238 -12.61 -31.23 17.85
C PHE B 238 -13.03 -32.19 18.95
N TYR B 239 -14.33 -32.50 18.94
CA TYR B 239 -14.98 -33.29 19.99
C TYR B 239 -14.71 -34.78 19.78
N VAL B 240 -14.29 -35.46 20.85
CA VAL B 240 -13.98 -36.88 20.83
C VAL B 240 -15.13 -37.65 21.50
N TYR B 241 -15.69 -38.62 20.77
CA TYR B 241 -16.67 -39.55 21.32
C TYR B 241 -16.12 -40.97 21.18
N THR B 242 -16.70 -41.89 21.97
CA THR B 242 -16.15 -43.24 22.02
C THR B 242 -16.15 -43.93 20.67
N ASP B 243 -17.07 -43.58 19.76
CA ASP B 243 -17.10 -44.31 18.49
C ASP B 243 -15.87 -44.01 17.63
N LEU B 244 -15.21 -42.87 17.83
CA LEU B 244 -13.97 -42.59 17.09
C LEU B 244 -12.90 -43.66 17.32
N PHE B 245 -12.90 -44.30 18.50
CA PHE B 245 -11.85 -45.29 18.77
C PHE B 245 -11.98 -46.53 17.89
N ALA B 246 -13.15 -46.77 17.31
CA ALA B 246 -13.36 -47.88 16.38
C ALA B 246 -13.00 -47.54 14.93
N TYR B 247 -12.64 -46.29 14.65
CA TYR B 247 -12.44 -45.86 13.26
C TYR B 247 -11.28 -46.60 12.60
N LYS B 248 -11.55 -47.16 11.43
CA LYS B 248 -10.54 -47.83 10.60
C LYS B 248 -10.27 -47.11 9.29
N SER B 249 -11.31 -46.68 8.58
CA SER B 249 -11.14 -46.04 7.28
C SER B 249 -12.44 -45.35 6.88
N GLY B 250 -12.36 -44.55 5.81
CA GLY B 250 -13.52 -43.80 5.34
C GLY B 250 -13.59 -42.40 5.90
N VAL B 251 -14.79 -41.81 5.84
CA VAL B 251 -15.01 -40.43 6.25
C VAL B 251 -15.77 -40.42 7.56
N TYR B 252 -15.09 -40.02 8.63
CA TYR B 252 -15.66 -40.11 9.96
C TYR B 252 -16.72 -39.03 10.21
N ARG B 253 -17.80 -39.46 10.88
CA ARG B 253 -18.76 -38.58 11.54
C ARG B 253 -19.31 -39.32 12.75
N HIS B 254 -19.52 -38.59 13.84
CA HIS B 254 -19.99 -39.19 15.07
C HIS B 254 -21.44 -39.65 14.93
N VAL B 255 -21.71 -40.89 15.33
CA VAL B 255 -23.07 -41.41 15.33
C VAL B 255 -23.52 -41.97 16.67
N ASP B 256 -22.62 -42.36 17.57
CA ASP B 256 -23.02 -43.07 18.80
C ASP B 256 -21.88 -42.99 19.81
N GLY B 257 -22.22 -43.10 21.09
CA GLY B 257 -21.22 -43.26 22.13
C GLY B 257 -21.09 -42.03 23.01
N ASP B 258 -20.28 -42.18 24.05
CA ASP B 258 -20.12 -41.16 25.08
C ASP B 258 -19.12 -40.07 24.67
N PHE B 259 -19.40 -38.84 25.09
CA PHE B 259 -18.47 -37.73 24.93
C PHE B 259 -17.28 -37.91 25.88
N LEU B 260 -16.08 -37.70 25.35
CA LEU B 260 -14.88 -37.88 26.14
C LEU B 260 -14.06 -36.62 26.32
N GLY B 261 -14.34 -35.56 25.57
CA GLY B 261 -13.58 -34.33 25.65
C GLY B 261 -13.06 -33.92 24.28
N GLY B 262 -12.06 -33.04 24.28
CA GLY B 262 -11.49 -32.50 23.06
C GLY B 262 -10.06 -32.93 22.89
N THR B 263 -9.63 -33.03 21.62
CA THR B 263 -8.26 -33.33 21.27
C THR B 263 -7.81 -32.41 20.15
N ALA B 264 -6.50 -32.16 20.08
CA ALA B 264 -5.91 -31.25 19.11
C ALA B 264 -5.21 -32.05 18.03
N VAL B 265 -5.47 -31.71 16.76
CA VAL B 265 -4.93 -32.45 15.63
C VAL B 265 -4.29 -31.49 14.65
N LYS B 266 -3.47 -32.05 13.75
CA LYS B 266 -2.85 -31.32 12.66
C LYS B 266 -3.66 -31.55 11.39
N VAL B 267 -4.23 -30.48 10.83
CA VAL B 267 -4.94 -30.54 9.54
C VAL B 267 -3.94 -30.35 8.41
N VAL B 268 -3.98 -31.22 7.40
CA VAL B 268 -3.01 -31.17 6.30
C VAL B 268 -3.63 -31.03 4.91
N GLY B 269 -4.94 -31.22 4.75
CA GLY B 269 -5.52 -31.10 3.42
C GLY B 269 -7.00 -31.42 3.39
N TRP B 270 -7.54 -31.49 2.17
CA TRP B 270 -8.95 -31.79 1.98
C TRP B 270 -9.13 -32.51 0.65
N GLY B 271 -10.24 -33.24 0.55
CA GLY B 271 -10.58 -33.91 -0.69
C GLY B 271 -12.00 -34.45 -0.68
N LYS B 272 -12.24 -35.42 -1.56
CA LYS B 272 -13.50 -36.17 -1.59
C LYS B 272 -13.20 -37.65 -1.71
N LEU B 273 -13.99 -38.48 -1.00
CA LEU B 273 -13.89 -39.93 -1.09
C LEU B 273 -15.25 -40.49 -1.45
N ASN B 274 -15.36 -41.06 -2.65
CA ASN B 274 -16.62 -41.60 -3.15
C ASN B 274 -17.75 -40.59 -2.96
N GLY B 275 -17.48 -39.35 -3.38
CA GLY B 275 -18.46 -38.30 -3.31
C GLY B 275 -18.54 -37.53 -2.01
N THR B 276 -17.88 -37.99 -0.93
CA THR B 276 -18.04 -37.35 0.38
C THR B 276 -16.87 -36.43 0.70
N PRO B 277 -17.11 -35.14 0.97
CA PRO B 277 -16.00 -34.23 1.28
C PRO B 277 -15.42 -34.46 2.67
N TYR B 278 -14.10 -34.27 2.79
CA TYR B 278 -13.41 -34.53 4.05
C TYR B 278 -12.26 -33.55 4.25
N TRP B 279 -11.84 -33.42 5.51
CA TRP B 279 -10.53 -32.91 5.90
C TRP B 279 -9.62 -34.09 6.17
N LYS B 280 -8.36 -33.99 5.75
CA LYS B 280 -7.34 -34.97 6.09
C LYS B 280 -6.55 -34.45 7.28
N VAL B 281 -6.50 -35.25 8.33
CA VAL B 281 -6.05 -34.84 9.65
C VAL B 281 -5.07 -35.89 10.18
N ALA B 282 -3.92 -35.45 10.73
CA ALA B 282 -2.98 -36.36 11.38
C ALA B 282 -3.32 -36.48 12.86
N ASN B 283 -3.73 -37.68 13.29
CA ASN B 283 -3.90 -37.89 14.72
C ASN B 283 -2.54 -38.15 15.36
N THR B 284 -2.54 -38.24 16.70
CA THR B 284 -1.31 -38.46 17.45
C THR B 284 -1.34 -39.80 18.18
N TRP B 285 -1.98 -40.81 17.59
CA TRP B 285 -2.14 -42.12 18.20
C TRP B 285 -1.35 -43.20 17.45
N ASP B 286 -0.23 -42.80 16.83
CA ASP B 286 0.70 -43.69 16.11
C ASP B 286 0.08 -44.17 14.79
N THR B 287 0.87 -44.86 13.97
CA THR B 287 0.45 -45.24 12.63
C THR B 287 -0.43 -46.48 12.58
N ASP B 288 -0.63 -47.17 13.70
CA ASP B 288 -1.48 -48.35 13.72
C ASP B 288 -2.94 -48.02 14.00
N TRP B 289 -3.29 -46.74 14.09
CA TRP B 289 -4.69 -46.35 14.21
C TRP B 289 -5.14 -45.70 12.90
N GLY B 290 -6.42 -45.89 12.58
CA GLY B 290 -7.00 -45.20 11.45
C GLY B 290 -6.33 -45.60 10.14
N MET B 291 -6.21 -44.64 9.24
CA MET B 291 -5.60 -44.86 7.93
C MET B 291 -4.13 -44.44 8.02
N ASP B 292 -3.30 -45.36 8.51
CA ASP B 292 -1.88 -45.12 8.71
C ASP B 292 -1.65 -43.90 9.61
N GLY B 293 -2.49 -43.77 10.66
CA GLY B 293 -2.40 -42.66 11.58
C GLY B 293 -3.27 -41.46 11.22
N TYR B 294 -3.82 -41.42 10.01
CA TYR B 294 -4.63 -40.28 9.58
C TYR B 294 -6.11 -40.51 9.82
N LEU B 295 -6.80 -39.41 10.08
CA LEU B 295 -8.26 -39.38 10.17
C LEU B 295 -8.79 -38.57 9.00
N LEU B 296 -9.77 -39.14 8.28
CA LEU B 296 -10.59 -38.38 7.34
C LEU B 296 -11.92 -38.09 8.04
N ILE B 297 -12.26 -36.80 8.16
CA ILE B 297 -13.46 -36.37 8.89
C ILE B 297 -14.31 -35.50 7.96
N LEU B 298 -15.64 -35.62 8.08
CA LEU B 298 -16.58 -34.90 7.21
C LEU B 298 -16.29 -33.41 7.18
N ARG B 299 -16.32 -32.83 5.98
CA ARG B 299 -16.03 -31.42 5.77
C ARG B 299 -17.26 -30.70 5.22
N GLY B 300 -17.54 -29.52 5.75
CA GLY B 300 -18.58 -28.67 5.20
C GLY B 300 -19.70 -28.34 6.16
N ASN B 301 -19.83 -29.01 7.30
CA ASN B 301 -20.90 -28.64 8.22
C ASN B 301 -20.43 -28.66 9.68
N ASN B 302 -19.18 -28.30 9.92
CA ASN B 302 -18.62 -28.22 11.27
C ASN B 302 -18.79 -29.53 12.05
N GLU B 303 -18.44 -30.63 11.40
CA GLU B 303 -18.58 -31.95 12.02
C GLU B 303 -17.74 -32.05 13.30
N CYS B 304 -18.38 -32.45 14.39
CA CYS B 304 -17.74 -32.53 15.71
C CYS B 304 -17.00 -31.25 16.07
N ASN B 305 -17.46 -30.11 15.53
CA ASN B 305 -16.93 -28.78 15.84
C ASN B 305 -15.54 -28.51 15.25
N ILE B 306 -15.10 -29.29 14.25
CA ILE B 306 -13.71 -29.16 13.81
C ILE B 306 -13.43 -27.87 13.04
N GLU B 307 -14.46 -27.24 12.45
CA GLU B 307 -14.29 -26.00 11.70
C GLU B 307 -14.45 -24.75 12.57
N HIS B 308 -14.64 -24.92 13.87
CA HIS B 308 -14.91 -23.79 14.74
C HIS B 308 -13.69 -22.89 14.99
N LEU B 309 -12.47 -23.45 15.02
CA LEU B 309 -11.31 -22.67 15.48
C LEU B 309 -10.03 -23.33 15.04
N GLY B 310 -9.18 -22.58 14.34
CA GLY B 310 -7.85 -23.05 13.94
C GLY B 310 -6.76 -22.17 14.51
N PHE B 311 -5.63 -22.78 14.87
CA PHE B 311 -4.47 -22.07 15.41
C PHE B 311 -3.30 -22.17 14.42
N ALA B 312 -2.59 -21.06 14.22
CA ALA B 312 -1.43 -21.07 13.34
C ALA B 312 -0.47 -19.96 13.77
N GLY B 313 0.65 -19.87 13.07
CA GLY B 313 1.69 -18.93 13.46
C GLY B 313 2.86 -18.95 12.50
N THR B 314 3.77 -18.00 12.70
CA THR B 314 4.83 -17.70 11.77
C THR B 314 6.18 -17.83 12.47
N PRO B 315 7.11 -18.61 11.91
CA PRO B 315 8.48 -18.66 12.48
C PRO B 315 9.18 -17.33 12.32
N GLU B 316 9.97 -16.94 13.33
CA GLU B 316 10.77 -15.75 13.09
C GLU B 316 11.87 -16.11 12.09
N THR B 317 12.13 -15.20 11.16
CA THR B 317 13.24 -15.39 10.25
C THR B 317 14.42 -14.49 10.61
N SER B 318 14.60 -14.25 11.91
CA SER B 318 15.70 -13.47 12.47
C SER B 318 15.93 -12.16 11.71
N GLN B 319 15.00 -11.36 11.56
N ALA C 12 2.03 1.57 -49.07
CA ALA C 12 2.20 2.83 -49.71
C ALA C 12 1.82 3.94 -48.78
N PRO C 13 2.36 5.10 -49.13
CA PRO C 13 1.90 6.38 -48.58
C PRO C 13 0.39 6.49 -48.40
N VAL C 14 0.02 7.09 -47.26
CA VAL C 14 -1.34 7.52 -47.00
C VAL C 14 -1.61 8.89 -47.63
N LEU C 15 -0.63 9.79 -47.62
CA LEU C 15 -0.80 11.16 -48.09
C LEU C 15 0.01 11.42 -49.34
N THR C 16 -0.60 12.12 -50.29
CA THR C 16 0.08 12.70 -51.45
C THR C 16 -0.34 14.15 -51.57
N LYS C 17 0.42 14.91 -52.35
CA LYS C 17 0.05 16.29 -52.61
C LYS C 17 -1.31 16.37 -53.34
N THR C 18 -1.56 15.43 -54.26
CA THR C 18 -2.83 15.40 -54.98
C THR C 18 -4.00 15.10 -54.05
N PHE C 19 -3.82 14.14 -53.13
CA PHE C 19 -4.88 13.81 -52.19
C PHE C 19 -5.19 14.99 -51.27
N VAL C 20 -4.14 15.68 -50.77
CA VAL C 20 -4.33 16.83 -49.89
C VAL C 20 -5.04 17.97 -50.63
N ASP C 21 -4.69 18.23 -51.90
CA ASP C 21 -5.37 19.29 -52.63
C ASP C 21 -6.85 18.95 -52.84
N ARG C 22 -7.14 17.68 -53.09
CA ARG C 22 -8.53 17.24 -53.20
C ARG C 22 -9.28 17.45 -51.90
N ILE C 23 -8.62 17.22 -50.76
CA ILE C 23 -9.27 17.39 -49.46
C ILE C 23 -9.67 18.84 -49.23
N ASN C 24 -8.74 19.76 -49.53
CA ASN C 24 -9.04 21.18 -49.33
C ASN C 24 -10.10 21.65 -50.33
N GLN C 25 -10.22 21.00 -51.49
CA GLN C 25 -11.31 21.32 -52.39
C GLN C 25 -12.66 20.92 -51.79
N LEU C 26 -12.73 19.74 -51.19
CA LEU C 26 -14.01 19.18 -50.77
C LEU C 26 -14.48 19.70 -49.43
N ASN C 27 -13.60 20.28 -48.60
CA ASN C 27 -14.04 20.71 -47.28
C ASN C 27 -14.41 22.19 -47.22
N GLY C 28 -14.35 22.90 -48.35
CA GLY C 28 -14.81 24.28 -48.39
C GLY C 28 -14.03 25.25 -47.53
N GLY C 29 -12.86 24.84 -47.05
CA GLY C 29 -12.09 25.70 -46.18
C GLY C 29 -12.46 25.63 -44.71
N MET C 30 -13.35 24.71 -44.33
CA MET C 30 -13.71 24.58 -42.92
C MET C 30 -12.53 24.12 -42.06
N TRP C 31 -11.62 23.33 -42.63
CA TRP C 31 -10.38 22.96 -41.98
C TRP C 31 -9.28 22.91 -43.03
N LYS C 32 -8.04 22.94 -42.55
CA LYS C 32 -6.88 23.04 -43.42
C LYS C 32 -6.11 21.72 -43.39
N ALA C 33 -5.97 21.09 -44.55
CA ALA C 33 -5.18 19.88 -44.72
C ALA C 33 -3.81 20.24 -45.30
N VAL C 34 -2.76 19.58 -44.80
CA VAL C 34 -1.40 19.88 -45.24
C VAL C 34 -0.67 18.60 -45.60
N TYR C 35 0.23 18.71 -46.57
CA TYR C 35 1.05 17.58 -46.97
C TYR C 35 2.39 17.53 -46.23
N ASN C 36 2.96 18.68 -45.90
CA ASN C 36 4.29 18.78 -45.29
C ASN C 36 4.21 18.90 -43.76
N GLY C 37 3.50 17.98 -43.11
CA GLY C 37 3.36 17.97 -41.67
C GLY C 37 4.03 16.77 -41.03
N LYS C 38 3.60 16.47 -39.80
CA LYS C 38 4.16 15.34 -39.05
C LYS C 38 3.92 14.01 -39.76
N MET C 39 2.78 13.85 -40.44
CA MET C 39 2.39 12.60 -41.05
C MET C 39 2.75 12.51 -42.53
N GLN C 40 3.60 13.40 -43.03
CA GLN C 40 3.82 13.53 -44.47
C GLN C 40 4.10 12.18 -45.14
N ASN C 41 4.94 11.34 -44.54
CA ASN C 41 5.36 10.11 -45.20
C ASN C 41 4.82 8.84 -44.53
N ILE C 42 3.74 8.95 -43.73
CA ILE C 42 3.23 7.78 -43.03
C ILE C 42 2.62 6.80 -44.03
N THR C 43 2.85 5.50 -43.81
CA THR C 43 2.31 4.44 -44.64
C THR C 43 1.04 3.86 -44.03
N PHE C 44 0.32 3.04 -44.81
CA PHE C 44 -0.91 2.44 -44.31
C PHE C 44 -0.64 1.53 -43.10
N ALA C 45 0.44 0.75 -43.14
CA ALA C 45 0.77 -0.09 -41.99
C ALA C 45 1.02 0.73 -40.73
N GLU C 46 1.75 1.85 -40.85
CA GLU C 46 2.00 2.69 -39.68
C GLU C 46 0.73 3.40 -39.21
N ALA C 47 -0.12 3.86 -40.15
CA ALA C 47 -1.37 4.51 -39.75
C ALA C 47 -2.25 3.58 -38.92
N LYS C 48 -2.24 2.27 -39.23
CA LYS C 48 -3.04 1.31 -38.48
C LYS C 48 -2.58 1.16 -37.04
N ARG C 49 -1.33 1.56 -36.71
CA ARG C 49 -0.88 1.55 -35.32
C ARG C 49 -1.62 2.57 -34.45
N LEU C 50 -2.30 3.54 -35.05
CA LEU C 50 -2.98 4.59 -34.31
C LEU C 50 -4.48 4.37 -34.18
N THR C 51 -5.00 3.21 -34.57
CA THR C 51 -6.38 2.90 -34.24
C THR C 51 -6.46 1.71 -33.28
N GLY C 52 -7.45 0.84 -33.45
CA GLY C 52 -7.60 -0.29 -32.57
C GLY C 52 -8.32 -0.05 -31.26
N ALA C 53 -9.11 1.03 -31.17
CA ALA C 53 -10.03 1.22 -30.05
C ALA C 53 -11.34 0.51 -30.41
N TRP C 54 -11.70 -0.49 -29.61
CA TRP C 54 -12.79 -1.40 -29.92
C TRP C 54 -13.96 -1.18 -28.98
N ILE C 55 -15.15 -1.51 -29.44
CA ILE C 55 -16.37 -1.13 -28.76
C ILE C 55 -17.27 -2.34 -28.59
N GLN C 56 -17.91 -2.40 -27.44
CA GLN C 56 -18.71 -3.54 -26.99
C GLN C 56 -20.18 -3.16 -27.20
N LYS C 57 -20.76 -3.58 -28.34
CA LYS C 57 -22.05 -3.06 -28.80
C LYS C 57 -23.14 -3.17 -27.73
N THR C 58 -23.22 -4.32 -27.07
CA THR C 58 -24.25 -4.57 -26.07
C THR C 58 -23.59 -4.49 -24.70
N SER C 59 -23.40 -3.24 -24.25
CA SER C 59 -22.65 -3.00 -23.02
C SER C 59 -23.56 -3.02 -21.82
N SER C 60 -23.07 -3.59 -20.71
CA SER C 60 -23.85 -3.65 -19.48
C SER C 60 -23.57 -2.48 -18.54
N LEU C 61 -22.72 -1.53 -18.93
CA LEU C 61 -22.39 -0.42 -18.03
C LEU C 61 -23.58 0.52 -17.89
N PRO C 62 -23.79 1.11 -16.71
CA PRO C 62 -24.99 1.90 -16.48
C PRO C 62 -24.93 3.24 -17.20
N PRO C 63 -26.07 3.84 -17.50
CA PRO C 63 -26.06 5.21 -18.04
C PRO C 63 -25.83 6.25 -16.95
N VAL C 64 -25.31 7.40 -17.37
CA VAL C 64 -25.08 8.50 -16.43
C VAL C 64 -26.42 8.91 -15.82
N ARG C 65 -26.36 9.43 -14.59
CA ARG C 65 -27.55 9.94 -13.91
C ARG C 65 -27.21 11.29 -13.28
N PHE C 66 -27.78 12.36 -13.83
CA PHE C 66 -27.59 13.68 -13.28
C PHE C 66 -28.65 13.98 -12.22
N THR C 67 -28.30 14.83 -11.26
CA THR C 67 -29.25 15.26 -10.26
C THR C 67 -30.18 16.34 -10.82
N GLU C 68 -31.21 16.68 -10.03
CA GLU C 68 -32.17 17.68 -10.48
C GLU C 68 -31.50 19.04 -10.65
N GLU C 69 -30.68 19.43 -9.67
CA GLU C 69 -29.99 20.71 -9.76
C GLU C 69 -29.05 20.75 -10.95
N GLN C 70 -28.36 19.63 -11.25
CA GLN C 70 -27.51 19.58 -12.43
C GLN C 70 -28.32 19.71 -13.71
N LEU C 71 -29.49 19.05 -13.76
CA LEU C 71 -30.31 19.10 -14.97
C LEU C 71 -30.86 20.50 -15.21
N ARG C 72 -31.20 21.23 -14.13
CA ARG C 72 -31.74 22.58 -14.26
C ARG C 72 -30.68 23.64 -14.55
N THR C 73 -29.39 23.30 -14.52
CA THR C 73 -28.35 24.32 -14.70
C THR C 73 -28.23 24.72 -16.16
N GLU C 74 -28.21 26.03 -16.43
CA GLU C 74 -27.99 26.51 -17.79
C GLU C 74 -26.49 26.47 -18.10
N LEU C 75 -26.13 25.79 -19.20
CA LEU C 75 -24.75 25.54 -19.62
C LEU C 75 -24.25 26.65 -20.55
N PRO C 76 -22.96 26.97 -20.54
CA PRO C 76 -22.47 28.09 -21.32
C PRO C 76 -22.38 27.77 -22.81
N GLU C 77 -22.27 28.85 -23.62
CA GLU C 77 -22.17 28.66 -25.07
C GLU C 77 -20.83 28.06 -25.47
N SER C 78 -19.76 28.37 -24.74
CA SER C 78 -18.47 27.69 -24.89
C SER C 78 -18.00 27.25 -23.51
N PHE C 79 -17.06 26.30 -23.49
CA PHE C 79 -16.54 25.78 -22.23
C PHE C 79 -15.21 25.09 -22.45
N ASP C 80 -14.30 25.25 -21.49
CA ASP C 80 -12.99 24.62 -21.52
C ASP C 80 -12.67 24.08 -20.13
N SER C 81 -12.40 22.77 -20.02
CA SER C 81 -12.08 22.17 -18.73
C SER C 81 -10.90 22.86 -18.05
N ALA C 82 -9.82 23.08 -18.81
CA ALA C 82 -8.63 23.73 -18.25
C ALA C 82 -8.95 25.13 -17.70
N GLU C 83 -9.98 25.80 -18.23
CA GLU C 83 -10.37 27.11 -17.72
C GLU C 83 -11.19 27.01 -16.44
N LYS C 84 -12.01 25.97 -16.30
CA LYS C 84 -12.77 25.77 -15.07
C LYS C 84 -11.92 25.21 -13.93
N TRP C 85 -10.95 24.35 -14.24
CA TRP C 85 -10.02 23.79 -13.24
C TRP C 85 -8.60 24.24 -13.55
N PRO C 86 -8.30 25.53 -13.37
CA PRO C 86 -6.95 26.04 -13.71
C PRO C 86 -5.84 25.46 -12.84
N ASN C 87 -6.15 24.91 -11.67
CA ASN C 87 -5.17 24.30 -10.79
C ASN C 87 -5.03 22.80 -11.01
N CYS C 88 -5.51 22.27 -12.15
CA CYS C 88 -5.38 20.85 -12.47
C CYS C 88 -4.45 20.66 -13.66
N PRO C 89 -3.14 20.48 -13.42
CA PRO C 89 -2.17 20.50 -14.55
C PRO C 89 -2.32 19.35 -15.52
N THR C 90 -2.80 18.18 -15.10
CA THR C 90 -2.86 17.05 -16.03
C THR C 90 -3.85 17.29 -17.18
N ILE C 91 -4.82 18.20 -17.03
CA ILE C 91 -5.82 18.41 -18.06
C ILE C 91 -5.17 18.85 -19.37
N ARG C 92 -4.09 19.63 -19.29
CA ARG C 92 -3.45 20.21 -20.47
C ARG C 92 -2.30 19.37 -21.04
N GLU C 93 -2.00 18.21 -20.47
CA GLU C 93 -0.85 17.43 -20.93
C GLU C 93 -1.24 16.52 -22.09
N ILE C 94 -0.60 16.69 -23.24
CA ILE C 94 -0.83 15.88 -24.43
C ILE C 94 0.12 14.68 -24.41
N ALA C 95 -0.41 13.48 -24.65
CA ALA C 95 0.39 12.27 -24.62
C ALA C 95 0.82 11.83 -26.02
N ASP C 96 1.77 10.89 -26.07
CA ASP C 96 2.20 10.27 -27.32
C ASP C 96 2.14 8.75 -27.14
N GLN C 97 1.11 8.14 -27.73
CA GLN C 97 0.97 6.69 -27.63
C GLN C 97 2.09 5.94 -28.35
N SER C 98 2.83 6.61 -29.24
CA SER C 98 3.88 5.98 -30.02
C SER C 98 3.30 4.92 -30.96
N ALA C 99 4.11 3.95 -31.39
CA ALA C 99 3.66 2.97 -32.38
C ALA C 99 3.04 1.73 -31.73
N CYS C 100 2.26 1.93 -30.67
CA CYS C 100 1.52 0.88 -29.98
C CYS C 100 0.05 1.26 -30.12
N ARG C 101 -0.81 0.31 -30.45
CA ARG C 101 -2.22 0.63 -30.72
C ARG C 101 -2.95 0.80 -29.37
N ALA C 102 -2.66 1.90 -28.70
CA ALA C 102 -2.92 2.01 -27.27
C ALA C 102 -3.77 3.20 -26.86
N SER C 103 -4.42 3.88 -27.81
CA SER C 103 -5.27 4.99 -27.41
C SER C 103 -6.36 4.55 -26.44
N TRP C 104 -6.80 3.29 -26.51
CA TRP C 104 -7.82 2.82 -25.56
C TRP C 104 -7.34 2.99 -24.11
N ALA C 105 -6.06 2.73 -23.85
CA ALA C 105 -5.50 2.85 -22.51
C ALA C 105 -4.97 4.25 -22.20
N VAL C 106 -4.31 4.89 -23.17
CA VAL C 106 -3.69 6.20 -22.91
C VAL C 106 -4.77 7.24 -22.60
N SER C 107 -5.85 7.25 -23.38
CA SER C 107 -6.86 8.28 -23.15
C SER C 107 -7.66 8.01 -21.86
N THR C 108 -7.92 6.74 -21.56
CA THR C 108 -8.60 6.40 -20.30
C THR C 108 -7.75 6.76 -19.08
N ALA C 109 -6.46 6.37 -19.09
CA ALA C 109 -5.59 6.76 -17.98
C ALA C 109 -5.53 8.28 -17.83
N SER C 110 -5.52 9.00 -18.96
CA SER C 110 -5.42 10.45 -18.90
C SER C 110 -6.67 11.09 -18.28
N VAL C 111 -7.86 10.63 -18.67
CA VAL C 111 -9.10 11.11 -18.05
C VAL C 111 -9.15 10.77 -16.57
N ILE C 112 -8.74 9.55 -16.20
CA ILE C 112 -8.74 9.19 -14.77
C ILE C 112 -7.84 10.13 -13.97
N SER C 113 -6.67 10.45 -14.54
CA SER C 113 -5.76 11.41 -13.91
C SER C 113 -6.46 12.76 -13.69
N ASP C 114 -7.14 13.28 -14.72
CA ASP C 114 -7.84 14.56 -14.58
C ASP C 114 -8.95 14.51 -13.53
N ARG C 115 -9.70 13.41 -13.49
CA ARG C 115 -10.82 13.35 -12.56
C ARG C 115 -10.38 13.21 -11.10
N TYR C 116 -9.17 12.71 -10.84
CA TYR C 116 -8.64 12.81 -9.47
C TYR C 116 -8.55 14.25 -9.03
N CYS C 117 -8.24 15.15 -9.96
CA CYS C 117 -8.21 16.56 -9.60
C CYS C 117 -9.59 17.22 -9.72
N THR C 118 -10.46 16.80 -10.64
CA THR C 118 -11.74 17.50 -10.77
C THR C 118 -12.80 17.01 -9.81
N VAL C 119 -12.82 15.73 -9.46
CA VAL C 119 -13.81 15.29 -8.48
C VAL C 119 -13.19 14.45 -7.36
N GLY C 120 -11.93 14.00 -7.52
CA GLY C 120 -11.33 13.12 -6.55
C GLY C 120 -10.48 13.72 -5.44
N GLY C 121 -10.32 15.04 -5.38
CA GLY C 121 -9.59 15.65 -4.28
C GLY C 121 -8.08 15.38 -4.23
N VAL C 122 -7.44 14.97 -5.31
CA VAL C 122 -5.99 14.91 -5.32
C VAL C 122 -5.46 15.61 -6.55
N GLN C 123 -4.59 16.59 -6.32
CA GLN C 123 -4.33 17.61 -7.31
C GLN C 123 -3.45 17.11 -8.45
N GLN C 124 -2.51 16.19 -8.20
CA GLN C 124 -1.49 15.87 -9.19
C GLN C 124 -1.15 14.38 -9.17
N LEU C 125 -2.05 13.55 -9.67
CA LEU C 125 -1.86 12.11 -9.71
C LEU C 125 -2.00 11.62 -11.15
N ARG C 126 -0.88 11.24 -11.76
CA ARG C 126 -0.86 10.72 -13.13
C ARG C 126 -0.89 9.19 -13.07
N ILE C 127 -1.91 8.62 -13.71
CA ILE C 127 -2.18 7.19 -13.73
C ILE C 127 -1.47 6.55 -14.93
N SER C 128 -1.00 5.32 -14.73
CA SER C 128 -0.12 4.63 -15.67
C SER C 128 -0.91 3.93 -16.77
N ALA C 129 -0.82 4.44 -18.01
CA ALA C 129 -1.33 3.70 -19.17
C ALA C 129 -0.55 2.41 -19.42
N ALA C 130 0.74 2.37 -19.07
CA ALA C 130 1.53 1.16 -19.27
C ALA C 130 1.03 0.01 -18.39
N HIS C 131 0.70 0.29 -17.14
CA HIS C 131 0.16 -0.74 -16.24
C HIS C 131 -1.17 -1.28 -16.77
N LEU C 132 -2.06 -0.37 -17.15
CA LEU C 132 -3.34 -0.76 -17.76
C LEU C 132 -3.12 -1.60 -19.03
N LEU C 133 -2.30 -1.10 -19.96
CA LEU C 133 -1.96 -1.83 -21.18
C LEU C 133 -1.48 -3.26 -20.90
N SER C 134 -0.57 -3.42 -19.93
CA SER C 134 0.12 -4.69 -19.77
C SER C 134 -0.59 -5.64 -18.82
N CYS C 135 -1.35 -5.14 -17.84
CA CYS C 135 -1.90 -6.04 -16.84
C CYS C 135 -3.39 -6.35 -17.01
N CYS C 136 -4.17 -5.53 -17.71
CA CYS C 136 -5.58 -5.87 -17.93
C CYS C 136 -5.67 -6.73 -19.18
N LYS C 137 -5.53 -8.05 -18.99
CA LYS C 137 -5.50 -9.00 -20.11
C LYS C 137 -6.87 -9.17 -20.76
N GLN C 138 -7.95 -8.93 -20.02
CA GLN C 138 -9.26 -9.07 -20.65
C GLN C 138 -9.75 -7.76 -21.26
N CYS C 139 -8.95 -6.69 -21.18
CA CYS C 139 -9.29 -5.42 -21.83
C CYS C 139 -8.99 -5.43 -23.32
N GLY C 140 -8.04 -6.24 -23.76
CA GLY C 140 -7.70 -6.27 -25.17
C GLY C 140 -6.42 -7.04 -25.37
N GLY C 141 -5.67 -6.63 -26.39
CA GLY C 141 -4.42 -7.28 -26.68
C GLY C 141 -3.23 -6.37 -26.48
N GLY C 142 -3.29 -5.50 -25.48
CA GLY C 142 -2.15 -4.61 -25.23
C GLY C 142 -1.92 -3.68 -26.40
N CYS C 143 -0.73 -3.76 -26.99
CA CYS C 143 -0.40 -3.00 -28.20
C CYS C 143 -1.15 -3.49 -29.45
N LYS C 144 -1.98 -4.52 -29.35
CA LYS C 144 -2.79 -4.93 -30.50
C LYS C 144 -4.10 -4.15 -30.59
N GLY C 145 -4.53 -3.49 -29.52
CA GLY C 145 -5.83 -2.85 -29.40
C GLY C 145 -6.52 -3.25 -28.10
N GLY C 146 -7.61 -2.52 -27.81
CA GLY C 146 -8.36 -2.80 -26.59
C GLY C 146 -9.69 -2.07 -26.55
N PHE C 147 -10.50 -2.43 -25.53
CA PHE C 147 -11.82 -1.85 -25.30
C PHE C 147 -11.74 -0.80 -24.20
N PRO C 148 -12.03 0.48 -24.48
CA PRO C 148 -12.10 1.47 -23.38
C PRO C 148 -13.05 1.08 -22.27
N GLY C 149 -14.23 0.54 -22.60
CA GLY C 149 -15.19 0.20 -21.57
C GLY C 149 -14.65 -0.83 -20.58
N PHE C 150 -13.92 -1.83 -21.08
CA PHE C 150 -13.30 -2.80 -20.18
C PHE C 150 -12.20 -2.16 -19.34
N ALA C 151 -11.46 -1.19 -19.88
CA ALA C 151 -10.49 -0.46 -19.06
C ALA C 151 -11.17 0.20 -17.87
N TRP C 152 -12.34 0.81 -18.08
CA TRP C 152 -13.03 1.48 -16.98
C TRP C 152 -13.46 0.47 -15.91
N ARG C 153 -13.92 -0.71 -16.34
CA ARG C 153 -14.24 -1.77 -15.38
C ARG C 153 -13.01 -2.18 -14.58
N TYR C 154 -11.88 -2.38 -15.26
CA TYR C 154 -10.65 -2.78 -14.57
C TYR C 154 -10.28 -1.79 -13.47
N TYR C 155 -10.44 -0.50 -13.77
CA TYR C 155 -10.15 0.54 -12.79
C TYR C 155 -11.04 0.39 -11.56
N VAL C 156 -12.32 0.10 -11.76
CA VAL C 156 -13.23 -0.09 -10.61
C VAL C 156 -12.91 -1.40 -9.89
N GLU C 157 -12.74 -2.50 -10.64
CA GLU C 157 -12.64 -3.81 -10.00
C GLU C 157 -11.23 -4.07 -9.44
N TYR C 158 -10.16 -3.64 -10.12
CA TYR C 158 -8.81 -3.97 -9.69
C TYR C 158 -7.92 -2.77 -9.39
N GLY C 159 -8.07 -1.65 -10.10
CA GLY C 159 -7.25 -0.49 -9.82
C GLY C 159 -5.96 -0.46 -10.64
N ILE C 160 -5.41 0.74 -10.78
CA ILE C 160 -4.30 0.97 -11.69
C ILE C 160 -3.19 1.69 -10.95
N ALA C 161 -1.93 1.35 -11.28
CA ALA C 161 -0.76 2.00 -10.71
C ALA C 161 -0.59 3.42 -11.28
N SER C 162 0.28 4.20 -10.65
CA SER C 162 0.63 5.52 -11.14
C SER C 162 1.82 5.47 -12.09
N SER C 163 1.94 6.53 -12.90
CA SER C 163 3.07 6.69 -13.82
C SER C 163 4.38 6.86 -13.09
N TYR C 164 4.36 7.41 -11.87
CA TYR C 164 5.58 7.45 -11.07
C TYR C 164 6.11 6.03 -10.85
N CYS C 165 5.21 5.08 -10.67
CA CYS C 165 5.59 3.67 -10.49
C CYS C 165 5.92 3.00 -11.82
N GLN C 166 5.09 3.20 -12.85
CA GLN C 166 5.30 2.53 -14.14
C GLN C 166 5.16 3.51 -15.29
N PRO C 167 6.26 4.18 -15.64
CA PRO C 167 6.22 5.20 -16.71
C PRO C 167 5.93 4.57 -18.07
N TYR C 168 5.42 5.38 -18.97
CA TYR C 168 5.16 4.90 -20.34
C TYR C 168 6.48 4.57 -21.04
N PRO C 169 6.67 3.34 -21.54
CA PRO C 169 8.00 2.91 -21.99
C PRO C 169 8.32 3.18 -23.46
N PHE C 170 7.34 3.63 -24.28
CA PHE C 170 7.57 3.73 -25.72
C PHE C 170 7.92 5.15 -26.12
N PRO C 171 8.92 5.33 -26.99
CA PRO C 171 9.44 6.67 -27.27
C PRO C 171 8.70 7.34 -28.43
N HIS C 172 9.05 8.61 -28.64
CA HIS C 172 8.51 9.36 -29.77
C HIS C 172 9.02 8.79 -31.09
N CYS C 173 8.09 8.55 -32.03
CA CYS C 173 8.32 8.08 -33.39
C CYS C 173 8.59 6.58 -33.51
N GLU C 174 9.68 6.23 -34.19
CA GLU C 174 9.95 4.84 -34.63
C GLU C 174 10.19 3.85 -33.50
N PHE C 190 8.14 -2.69 -29.88
CA PHE C 190 6.75 -2.32 -29.61
C PHE C 190 5.88 -3.55 -29.31
N ASP C 191 6.48 -4.56 -28.71
CA ASP C 191 5.71 -5.61 -28.07
C ASP C 191 4.98 -5.04 -26.86
N THR C 192 3.87 -5.66 -26.50
CA THR C 192 3.22 -5.36 -25.23
C THR C 192 4.18 -5.74 -24.10
N PRO C 193 4.55 -4.83 -23.21
CA PRO C 193 5.45 -5.21 -22.11
C PRO C 193 4.77 -6.21 -21.19
N LYS C 194 5.59 -6.99 -20.49
CA LYS C 194 5.07 -7.93 -19.52
C LYS C 194 4.42 -7.20 -18.35
N CYS C 195 3.49 -7.88 -17.70
CA CYS C 195 2.83 -7.34 -16.52
C CYS C 195 3.72 -7.52 -15.29
N GLN C 196 4.01 -6.43 -14.60
CA GLN C 196 4.83 -6.46 -13.40
C GLN C 196 4.00 -6.06 -12.20
N ALA C 197 4.24 -6.70 -11.06
CA ALA C 197 3.64 -6.29 -9.80
C ALA C 197 4.55 -5.34 -9.02
N THR C 198 5.67 -4.94 -9.60
CA THR C 198 6.59 -4.00 -8.99
C THR C 198 6.78 -2.79 -9.88
N CYS C 199 7.30 -1.70 -9.31
CA CYS C 199 7.57 -0.49 -10.07
C CYS C 199 8.85 -0.65 -10.89
N THR C 200 8.96 0.14 -11.96
CA THR C 200 10.14 0.06 -12.82
C THR C 200 11.41 0.28 -12.01
N ASP C 201 11.44 1.35 -11.23
CA ASP C 201 12.45 1.53 -10.19
C ASP C 201 12.00 0.74 -8.97
N LYS C 202 12.73 -0.32 -8.62
CA LYS C 202 12.26 -1.26 -7.62
C LYS C 202 12.29 -0.71 -6.20
N SER C 203 12.95 0.42 -5.96
CA SER C 203 12.88 1.03 -4.64
C SER C 203 11.55 1.76 -4.39
N ILE C 204 10.71 1.90 -5.41
CA ILE C 204 9.42 2.59 -5.27
C ILE C 204 8.34 1.53 -5.08
N PRO C 205 7.51 1.63 -4.05
CA PRO C 205 6.44 0.65 -3.86
C PRO C 205 5.26 0.96 -4.76
N LEU C 206 4.55 -0.09 -5.15
CA LEU C 206 3.44 0.02 -6.08
C LEU C 206 2.15 0.29 -5.31
N VAL C 207 1.52 1.43 -5.59
CA VAL C 207 0.23 1.80 -5.00
C VAL C 207 -0.84 1.75 -6.09
N LYS C 208 -1.96 1.08 -5.81
CA LYS C 208 -3.04 0.93 -6.78
C LYS C 208 -4.19 1.88 -6.47
N TYR C 209 -4.74 2.48 -7.53
CA TYR C 209 -5.81 3.47 -7.42
C TYR C 209 -7.07 2.93 -8.10
N ARG C 210 -8.19 2.94 -7.37
CA ARG C 210 -9.43 2.32 -7.84
C ARG C 210 -10.55 3.34 -8.01
N GLY C 211 -11.50 3.02 -8.91
CA GLY C 211 -12.70 3.80 -9.04
C GLY C 211 -13.83 3.27 -8.17
N SER C 212 -14.82 4.12 -7.90
CA SER C 212 -16.03 3.63 -7.23
C SER C 212 -17.15 3.30 -8.19
N ALA C 213 -17.17 3.92 -9.37
CA ALA C 213 -18.25 3.70 -10.34
C ALA C 213 -17.75 4.11 -11.73
N THR C 214 -18.32 3.48 -12.75
CA THR C 214 -18.10 3.87 -14.12
C THR C 214 -19.45 3.87 -14.85
N TYR C 215 -19.61 4.76 -15.84
CA TYR C 215 -20.92 4.95 -16.46
C TYR C 215 -20.76 5.44 -17.90
N LEU C 216 -21.89 5.48 -18.64
CA LEU C 216 -21.94 5.73 -20.07
C LEU C 216 -22.72 7.01 -20.38
N LEU C 217 -22.31 7.71 -21.44
CA LEU C 217 -23.00 8.90 -21.94
C LEU C 217 -23.64 8.51 -23.27
N LEU C 218 -24.97 8.35 -23.27
CA LEU C 218 -25.67 7.71 -24.39
C LEU C 218 -26.60 8.63 -25.16
N HIS C 219 -26.77 9.88 -24.74
CA HIS C 219 -27.75 10.76 -25.37
C HIS C 219 -27.10 11.96 -26.06
N GLY C 220 -25.82 11.86 -26.39
CA GLY C 220 -25.19 12.79 -27.32
C GLY C 220 -24.80 14.12 -26.74
N GLU C 221 -24.97 15.18 -27.54
CA GLU C 221 -24.38 16.48 -27.26
C GLU C 221 -24.72 16.99 -25.85
N GLU C 222 -25.99 16.90 -25.47
CA GLU C 222 -26.39 17.44 -24.19
C GLU C 222 -25.86 16.63 -23.01
N ASP C 223 -25.70 15.30 -23.15
CA ASP C 223 -24.97 14.54 -22.13
C ASP C 223 -23.52 14.99 -22.03
N TYR C 224 -22.86 15.17 -23.18
CA TYR C 224 -21.45 15.55 -23.21
C TYR C 224 -21.22 16.87 -22.49
N LYS C 225 -22.02 17.89 -22.81
CA LYS C 225 -21.84 19.21 -22.20
C LYS C 225 -22.04 19.15 -20.69
N ARG C 226 -23.10 18.49 -20.23
CA ARG C 226 -23.39 18.49 -18.80
C ARG C 226 -22.32 17.72 -18.01
N GLU C 227 -21.83 16.60 -18.54
CA GLU C 227 -20.79 15.84 -17.83
C GLU C 227 -19.47 16.62 -17.79
N LEU C 228 -19.11 17.27 -18.89
CA LEU C 228 -17.91 18.11 -18.92
C LEU C 228 -18.01 19.25 -17.92
N TYR C 229 -19.16 19.94 -17.93
CA TYR C 229 -19.38 21.09 -17.07
C TYR C 229 -19.20 20.73 -15.59
N PHE C 230 -19.77 19.62 -15.14
CA PHE C 230 -19.73 19.29 -13.72
C PHE C 230 -18.53 18.43 -13.32
N ASN C 231 -18.08 17.50 -14.16
CA ASN C 231 -17.06 16.55 -13.77
C ASN C 231 -15.78 16.62 -14.57
N GLY C 232 -15.77 17.22 -15.75
CA GLY C 232 -14.56 17.33 -16.52
C GLY C 232 -14.42 16.32 -17.63
N PRO C 233 -13.20 16.15 -18.14
CA PRO C 233 -12.98 15.35 -19.36
C PRO C 233 -13.50 13.91 -19.27
N PHE C 234 -13.81 13.36 -20.45
CA PHE C 234 -14.25 11.97 -20.59
C PHE C 234 -13.69 11.41 -21.89
N VAL C 235 -13.83 10.10 -22.09
CA VAL C 235 -13.32 9.38 -23.27
C VAL C 235 -14.44 9.20 -24.28
N ALA C 236 -14.17 9.50 -25.56
CA ALA C 236 -15.04 9.14 -26.67
C ALA C 236 -14.23 8.43 -27.75
N VAL C 237 -14.90 7.58 -28.54
CA VAL C 237 -14.30 6.91 -29.68
C VAL C 237 -14.93 7.49 -30.95
N PHE C 238 -14.12 7.62 -32.01
CA PHE C 238 -14.71 8.05 -33.28
C PHE C 238 -13.97 7.39 -34.44
N TYR C 239 -14.60 7.48 -35.60
CA TYR C 239 -14.10 6.86 -36.83
C TYR C 239 -12.90 7.63 -37.37
N VAL C 240 -11.85 6.90 -37.70
CA VAL C 240 -10.62 7.45 -38.26
C VAL C 240 -10.58 7.13 -39.77
N TYR C 241 -10.45 8.18 -40.59
CA TYR C 241 -10.25 8.06 -42.03
C TYR C 241 -8.90 8.68 -42.41
N THR C 242 -8.38 8.34 -43.60
CA THR C 242 -7.01 8.77 -43.89
C THR C 242 -6.85 10.29 -43.99
N ASP C 243 -7.93 11.05 -44.26
CA ASP C 243 -7.73 12.50 -44.39
C ASP C 243 -7.45 13.17 -43.05
N LEU C 244 -7.84 12.55 -41.94
CA LEU C 244 -7.50 13.07 -40.62
C LEU C 244 -5.99 13.22 -40.43
N PHE C 245 -5.19 12.37 -41.08
CA PHE C 245 -3.73 12.48 -40.91
C PHE C 245 -3.17 13.78 -41.48
N ALA C 246 -3.87 14.44 -42.40
CA ALA C 246 -3.43 15.71 -42.96
C ALA C 246 -3.90 16.92 -42.16
N TYR C 247 -4.65 16.70 -41.08
CA TYR C 247 -5.29 17.80 -40.38
C TYR C 247 -4.26 18.68 -39.69
N LYS C 248 -4.36 19.99 -39.92
CA LYS C 248 -3.48 20.98 -39.33
C LYS C 248 -4.20 21.94 -38.39
N SER C 249 -5.39 22.44 -38.79
CA SER C 249 -6.13 23.40 -37.97
C SER C 249 -7.55 23.52 -38.53
N GLY C 250 -8.38 24.25 -37.79
CA GLY C 250 -9.78 24.43 -38.18
C GLY C 250 -10.69 23.37 -37.56
N VAL C 251 -11.86 23.22 -38.17
CA VAL C 251 -12.87 22.30 -37.64
C VAL C 251 -12.96 21.10 -38.58
N TYR C 252 -12.52 19.93 -38.09
CA TYR C 252 -12.44 18.73 -38.91
C TYR C 252 -13.80 18.07 -39.14
N ARG C 253 -14.01 17.61 -40.37
CA ARG C 253 -15.00 16.61 -40.69
C ARG C 253 -14.49 15.84 -41.89
N HIS C 254 -14.86 14.57 -41.98
CA HIS C 254 -14.30 13.69 -42.98
C HIS C 254 -14.89 13.99 -44.35
N VAL C 255 -14.04 14.06 -45.38
CA VAL C 255 -14.51 14.33 -46.72
C VAL C 255 -14.04 13.28 -47.73
N ASP C 256 -12.88 12.65 -47.48
CA ASP C 256 -12.37 11.66 -48.44
C ASP C 256 -11.29 10.81 -47.77
N GLY C 257 -11.07 9.62 -48.30
CA GLY C 257 -10.05 8.71 -47.82
C GLY C 257 -10.63 7.39 -47.32
N ASP C 258 -9.71 6.46 -47.07
CA ASP C 258 -10.06 5.13 -46.61
C ASP C 258 -10.38 5.14 -45.12
N PHE C 259 -11.33 4.29 -44.72
CA PHE C 259 -11.62 4.06 -43.32
C PHE C 259 -10.48 3.24 -42.70
N LEU C 260 -10.00 3.65 -41.54
CA LEU C 260 -8.88 2.96 -40.90
C LEU C 260 -9.24 2.29 -39.58
N GLY C 261 -10.41 2.57 -39.01
CA GLY C 261 -10.75 2.00 -37.72
C GLY C 261 -11.20 3.08 -36.75
N GLY C 262 -11.09 2.75 -35.46
CA GLY C 262 -11.56 3.65 -34.40
C GLY C 262 -10.45 3.98 -33.41
N THR C 263 -10.49 5.20 -32.89
CA THR C 263 -9.53 5.64 -31.91
C THR C 263 -10.28 6.28 -30.74
N ALA C 264 -9.69 6.24 -29.55
CA ALA C 264 -10.28 6.80 -28.34
C ALA C 264 -9.55 8.09 -27.99
N VAL C 265 -10.30 9.15 -27.72
CA VAL C 265 -9.74 10.47 -27.44
C VAL C 265 -10.34 10.98 -26.14
N LYS C 266 -9.70 12.01 -25.58
CA LYS C 266 -10.17 12.73 -24.41
C LYS C 266 -10.88 14.03 -24.83
N VAL C 267 -12.14 14.17 -24.47
CA VAL C 267 -12.93 15.37 -24.80
C VAL C 267 -12.81 16.37 -23.65
N VAL C 268 -12.42 17.60 -23.96
CA VAL C 268 -12.16 18.59 -22.92
C VAL C 268 -13.06 19.82 -22.99
N GLY C 269 -13.80 20.07 -24.08
CA GLY C 269 -14.65 21.25 -24.12
C GLY C 269 -15.34 21.43 -25.47
N TRP C 270 -16.02 22.58 -25.61
CA TRP C 270 -16.69 22.89 -26.87
C TRP C 270 -16.65 24.39 -27.12
N GLY C 271 -16.81 24.76 -28.39
CA GLY C 271 -16.93 26.16 -28.74
C GLY C 271 -17.39 26.35 -30.17
N LYS C 272 -17.08 27.52 -30.72
CA LYS C 272 -17.33 27.84 -32.12
C LYS C 272 -16.14 28.59 -32.69
N LEU C 273 -15.76 28.24 -33.92
CA LEU C 273 -14.66 28.88 -34.62
C LEU C 273 -15.21 29.45 -35.94
N ASN C 274 -15.26 30.77 -36.04
CA ASN C 274 -15.77 31.46 -37.23
C ASN C 274 -17.15 30.93 -37.61
N GLY C 275 -18.03 30.83 -36.61
CA GLY C 275 -19.38 30.36 -36.81
C GLY C 275 -19.59 28.86 -36.71
N THR C 276 -18.52 28.06 -36.67
CA THR C 276 -18.66 26.62 -36.80
C THR C 276 -18.53 25.92 -35.44
N PRO C 277 -19.55 25.22 -34.97
CA PRO C 277 -19.47 24.56 -33.65
C PRO C 277 -18.53 23.36 -33.67
N TYR C 278 -17.80 23.17 -32.56
CA TYR C 278 -16.82 22.09 -32.47
C TYR C 278 -16.77 21.52 -31.05
N TRP C 279 -16.23 20.30 -30.97
CA TRP C 279 -15.66 19.74 -29.74
C TRP C 279 -14.15 19.92 -29.77
N LYS C 280 -13.58 20.25 -28.62
CA LYS C 280 -12.13 20.28 -28.44
C LYS C 280 -11.70 18.96 -27.83
N VAL C 281 -10.79 18.28 -28.52
CA VAL C 281 -10.43 16.89 -28.25
C VAL C 281 -8.91 16.80 -28.16
N ALA C 282 -8.40 16.12 -27.11
CA ALA C 282 -6.96 15.84 -27.00
C ALA C 282 -6.65 14.53 -27.71
N ASN C 283 -5.90 14.61 -28.81
CA ASN C 283 -5.45 13.39 -29.44
C ASN C 283 -4.21 12.84 -28.72
N THR C 284 -3.78 11.63 -29.10
CA THR C 284 -2.65 10.99 -28.45
C THR C 284 -1.43 10.87 -29.37
N TRP C 285 -1.29 11.77 -30.34
CA TRP C 285 -0.23 11.70 -31.34
C TRP C 285 0.82 12.79 -31.14
N ASP C 286 1.04 13.21 -29.88
CA ASP C 286 2.05 14.20 -29.49
C ASP C 286 1.66 15.59 -29.96
N THR C 287 2.42 16.61 -29.54
CA THR C 287 2.05 18.00 -29.76
C THR C 287 2.43 18.52 -31.14
N ASP C 288 3.15 17.76 -31.95
CA ASP C 288 3.52 18.17 -33.29
C ASP C 288 2.46 17.79 -34.34
N TRP C 289 1.28 17.36 -33.91
CA TRP C 289 0.16 17.10 -34.81
C TRP C 289 -1.01 18.01 -34.45
N GLY C 290 -1.78 18.39 -35.47
CA GLY C 290 -2.98 19.16 -35.21
C GLY C 290 -2.67 20.53 -34.62
N MET C 291 -3.58 21.00 -33.77
CA MET C 291 -3.41 22.29 -33.10
C MET C 291 -2.76 22.05 -31.74
N ASP C 292 -1.44 21.90 -31.78
CA ASP C 292 -0.62 21.61 -30.59
C ASP C 292 -1.11 20.35 -29.87
N GLY C 293 -1.48 19.33 -30.65
CA GLY C 293 -1.92 18.06 -30.13
C GLY C 293 -3.43 17.89 -30.12
N TYR C 294 -4.15 19.00 -30.21
CA TYR C 294 -5.61 18.99 -30.13
C TYR C 294 -6.25 18.88 -31.51
N LEU C 295 -7.44 18.30 -31.50
CA LEU C 295 -8.32 18.21 -32.66
C LEU C 295 -9.61 18.95 -32.35
N LEU C 296 -10.00 19.86 -33.24
CA LEU C 296 -11.36 20.43 -33.22
C LEU C 296 -12.17 19.67 -34.26
N ILE C 297 -13.29 19.08 -33.84
CA ILE C 297 -14.13 18.27 -34.72
C ILE C 297 -15.55 18.82 -34.68
N LEU C 298 -16.24 18.75 -35.83
CA LEU C 298 -17.59 19.29 -35.98
C LEU C 298 -18.53 18.78 -34.88
N ARG C 299 -19.29 19.70 -34.29
CA ARG C 299 -20.20 19.40 -33.19
C ARG C 299 -21.65 19.61 -33.62
N GLY C 300 -22.50 18.62 -33.37
CA GLY C 300 -23.93 18.81 -33.51
C GLY C 300 -24.65 17.80 -34.39
N ASN C 301 -23.92 17.05 -35.22
CA ASN C 301 -24.56 16.07 -36.08
C ASN C 301 -23.81 14.75 -36.06
N ASN C 302 -23.29 14.36 -34.90
CA ASN C 302 -22.61 13.09 -34.71
C ASN C 302 -21.52 12.86 -35.77
N GLU C 303 -20.69 13.89 -35.99
CA GLU C 303 -19.63 13.81 -36.99
C GLU C 303 -18.68 12.65 -36.68
N CYS C 304 -18.46 11.77 -37.67
CA CYS C 304 -17.59 10.60 -37.52
C CYS C 304 -17.93 9.78 -36.27
N ASN C 305 -19.21 9.79 -35.88
CA ASN C 305 -19.78 9.00 -34.80
C ASN C 305 -19.30 9.46 -33.41
N ILE C 306 -18.73 10.67 -33.30
CA ILE C 306 -18.09 11.08 -32.05
C ILE C 306 -19.10 11.23 -30.90
N GLU C 307 -20.35 11.54 -31.21
CA GLU C 307 -21.37 11.79 -30.20
C GLU C 307 -22.11 10.53 -29.79
N HIS C 308 -21.72 9.37 -30.34
CA HIS C 308 -22.48 8.15 -30.12
C HIS C 308 -22.30 7.58 -28.71
N LEU C 309 -21.13 7.73 -28.08
CA LEU C 309 -20.87 6.99 -26.85
C LEU C 309 -19.66 7.56 -26.13
N GLY C 310 -19.85 8.00 -24.88
CA GLY C 310 -18.75 8.45 -24.03
C GLY C 310 -18.60 7.60 -22.77
N PHE C 311 -17.37 7.51 -22.26
CA PHE C 311 -17.08 6.75 -21.06
C PHE C 311 -16.56 7.67 -19.97
N ALA C 312 -17.04 7.48 -18.74
CA ALA C 312 -16.59 8.28 -17.61
C ALA C 312 -16.69 7.45 -16.33
N GLY C 313 -16.20 8.02 -15.24
CA GLY C 313 -16.17 7.26 -13.99
C GLY C 313 -15.73 8.15 -12.85
N THR C 314 -15.80 7.57 -11.65
CA THR C 314 -15.61 8.34 -10.44
C THR C 314 -14.49 7.73 -9.60
N PRO C 315 -13.55 8.55 -9.11
CA PRO C 315 -12.48 8.03 -8.24
C PRO C 315 -12.98 7.66 -6.85
N GLU C 316 -12.45 6.57 -6.29
CA GLU C 316 -12.66 6.31 -4.88
C GLU C 316 -12.22 7.52 -4.05
N THR C 317 -13.04 7.89 -3.08
CA THR C 317 -12.69 9.02 -2.20
C THR C 317 -12.92 8.64 -0.74
N SER C 318 -12.96 7.34 -0.44
CA SER C 318 -13.12 6.85 0.93
C SER C 318 -11.98 5.89 1.27
N GLN C 319 -11.13 5.61 0.43
#